data_3RU6
#
_entry.id   3RU6
#
_cell.length_a   44.598
_cell.length_b   108.308
_cell.length_c   97.707
_cell.angle_alpha   90.00
_cell.angle_beta   95.73
_cell.angle_gamma   90.00
#
_symmetry.space_group_name_H-M   'P 1 21 1'
#
loop_
_entity.id
_entity.type
_entity.pdbx_description
1 polymer "Orotidine 5'-phosphate decarboxylase"
2 non-polymer 'CHLORIDE ION'
3 non-polymer 'IODIDE ION'
4 water water
#
_entity_poly.entity_id   1
_entity_poly.type   'polypeptide(L)'
_entity_poly.pdbx_seq_one_letter_code
;MHHHHHHSSGVDLGTENLYFQSNAMKLCVALDLSTKEECLQLAKELKNLDIWLKVGLRAYLRDGFKFIEELKKVDDFKIF
LDLKFHDIPNTMADACEEVSKLGVDMINIHASAGKIAIQEVMTRLSKFSKRPLVLAVSALTSFDEENFFSIYRQKIEEAV
INFSKISYENGLDGMVCSVFESKKIKEHTSSNFLTLTPGIRPFGETNDDQKRVANLAMARENLSDYIVVGRPIYKNENPR
AVCEKILNKIHRKNISENDIEQNYEVIQQKEWDMCNHFEEWIKTRPDKEHALKEFYAKCGIKY
;
_entity_poly.pdbx_strand_id   A,B,C,D
#
loop_
_chem_comp.id
_chem_comp.type
_chem_comp.name
_chem_comp.formula
CL non-polymer 'CHLORIDE ION' 'Cl -1'
IOD non-polymer 'IODIDE ION' 'I -1'
#
# COMPACT_ATOMS: atom_id res chain seq x y z
N ALA A 24 -13.78 0.75 5.85
CA ALA A 24 -14.51 1.46 6.91
C ALA A 24 -14.79 2.92 6.53
N MET A 25 -15.76 3.52 7.21
CA MET A 25 -16.17 4.90 7.01
C MET A 25 -14.97 5.85 7.13
N LYS A 26 -14.78 6.73 6.15
CA LYS A 26 -13.65 7.65 6.17
C LYS A 26 -14.07 9.04 6.64
N LEU A 27 -13.24 9.65 7.49
CA LEU A 27 -13.50 10.99 8.04
C LEU A 27 -12.80 12.09 7.26
N CYS A 28 -13.59 13.04 6.78
CA CYS A 28 -13.06 14.18 6.06
C CYS A 28 -13.40 15.41 6.89
N VAL A 29 -12.42 16.27 7.11
CA VAL A 29 -12.62 17.49 7.88
C VAL A 29 -12.73 18.67 6.91
N ALA A 30 -13.79 19.47 7.05
CA ALA A 30 -13.99 20.64 6.21
C ALA A 30 -13.08 21.77 6.70
N LEU A 31 -12.09 22.15 5.89
CA LEU A 31 -11.17 23.25 6.27
C LEU A 31 -11.82 24.56 5.94
N ASP A 32 -12.81 24.94 6.72
CA ASP A 32 -13.56 26.17 6.45
C ASP A 32 -13.31 27.31 7.42
N LEU A 33 -12.13 27.35 8.04
CA LEU A 33 -11.80 28.50 8.90
C LEU A 33 -11.68 29.67 7.91
N SER A 34 -11.83 30.91 8.39
CA SER A 34 -11.84 32.06 7.47
C SER A 34 -10.56 32.50 6.77
N THR A 35 -9.40 32.19 7.33
CA THR A 35 -8.16 32.60 6.70
C THR A 35 -7.25 31.43 6.44
N LYS A 36 -6.36 31.59 5.49
CA LYS A 36 -5.45 30.52 5.17
C LYS A 36 -4.50 30.15 6.34
N GLU A 37 -4.09 31.13 7.13
N GLU A 37 -4.13 31.15 7.14
CA GLU A 37 -3.22 30.83 8.26
CA GLU A 37 -3.28 30.94 8.32
C GLU A 37 -3.96 29.90 9.24
C GLU A 37 -3.95 29.95 9.25
N GLU A 38 -5.23 30.19 9.50
CA GLU A 38 -6.04 29.35 10.41
C GLU A 38 -6.22 27.92 9.87
N CYS A 39 -6.50 27.80 8.58
CA CYS A 39 -6.67 26.47 7.96
C CYS A 39 -5.37 25.64 8.01
N LEU A 40 -4.24 26.28 7.72
CA LEU A 40 -2.96 25.56 7.76
C LEU A 40 -2.62 25.17 9.18
N GLN A 41 -2.97 26.02 10.15
CA GLN A 41 -2.67 25.73 11.54
C GLN A 41 -3.55 24.54 11.98
N LEU A 42 -4.79 24.46 11.48
CA LEU A 42 -5.66 23.35 11.82
C LEU A 42 -5.05 22.07 11.24
N ALA A 43 -4.62 22.11 9.98
CA ALA A 43 -4.02 20.91 9.36
C ALA A 43 -2.86 20.43 10.22
N LYS A 44 -2.00 21.36 10.67
CA LYS A 44 -0.88 21.01 11.51
C LYS A 44 -1.34 20.30 12.81
N GLU A 45 -2.44 20.78 13.39
N GLU A 45 -2.42 20.77 13.40
CA GLU A 45 -2.99 20.20 14.60
CA GLU A 45 -2.96 20.15 14.63
C GLU A 45 -3.47 18.75 14.39
C GLU A 45 -3.47 18.74 14.40
N LEU A 46 -3.83 18.41 13.17
CA LEU A 46 -4.36 17.07 12.83
C LEU A 46 -3.34 16.13 12.15
N LYS A 47 -2.08 16.52 12.17
CA LYS A 47 -1.02 15.75 11.54
C LYS A 47 -0.94 14.33 12.10
N ASN A 48 -0.76 13.37 11.20
CA ASN A 48 -0.63 11.94 11.55
C ASN A 48 -1.95 11.20 11.80
N LEU A 49 -3.08 11.88 11.64
CA LEU A 49 -4.38 11.22 11.82
C LEU A 49 -4.79 10.75 10.45
N ASP A 50 -5.49 9.61 10.39
CA ASP A 50 -5.94 9.06 9.12
C ASP A 50 -7.24 9.75 8.72
N ILE A 51 -7.11 10.94 8.15
CA ILE A 51 -8.27 11.70 7.74
C ILE A 51 -8.04 12.38 6.40
N TRP A 52 -9.13 12.82 5.83
CA TRP A 52 -9.12 13.56 4.58
C TRP A 52 -9.39 15.00 4.96
N LEU A 53 -8.96 15.91 4.10
CA LEU A 53 -9.21 17.33 4.30
C LEU A 53 -9.99 17.83 3.09
N LYS A 54 -11.02 18.65 3.33
CA LYS A 54 -11.81 19.20 2.23
C LYS A 54 -11.52 20.69 2.07
N VAL A 55 -11.15 21.09 0.85
CA VAL A 55 -10.85 22.49 0.52
C VAL A 55 -11.99 22.99 -0.37
N GLY A 56 -12.63 24.08 0.04
CA GLY A 56 -13.78 24.66 -0.69
C GLY A 56 -13.48 25.77 -1.69
N LEU A 57 -14.54 26.27 -2.27
CA LEU A 57 -14.50 27.31 -3.29
C LEU A 57 -13.82 28.62 -2.87
N ARG A 58 -14.22 29.22 -1.75
CA ARG A 58 -13.61 30.49 -1.40
C ARG A 58 -12.10 30.40 -1.15
N ALA A 59 -11.67 29.32 -0.50
CA ALA A 59 -10.27 29.11 -0.22
C ALA A 59 -9.47 28.98 -1.51
N TYR A 60 -10.00 28.26 -2.48
CA TYR A 60 -9.29 28.06 -3.72
C TYR A 60 -9.27 29.35 -4.55
N LEU A 61 -10.39 30.06 -4.61
CA LEU A 61 -10.43 31.32 -5.36
C LEU A 61 -9.44 32.34 -4.82
N ARG A 62 -9.29 32.34 -3.50
CA ARG A 62 -8.42 33.28 -2.85
C ARG A 62 -6.93 32.95 -2.92
N ASP A 63 -6.58 31.70 -2.67
CA ASP A 63 -5.17 31.30 -2.64
C ASP A 63 -4.69 30.42 -3.78
N GLY A 64 -5.61 29.76 -4.47
CA GLY A 64 -5.24 28.93 -5.63
C GLY A 64 -4.47 27.66 -5.36
N PHE A 65 -3.83 27.14 -6.41
CA PHE A 65 -3.08 25.88 -6.30
C PHE A 65 -1.97 25.86 -5.24
N LYS A 66 -1.34 26.99 -4.97
N LYS A 66 -1.37 27.00 -4.96
CA LYS A 66 -0.27 27.02 -3.98
CA LYS A 66 -0.29 27.06 -3.97
C LYS A 66 -0.76 26.58 -2.60
C LYS A 66 -0.75 26.57 -2.61
N PHE A 67 -2.02 26.85 -2.28
CA PHE A 67 -2.58 26.43 -0.99
C PHE A 67 -2.62 24.90 -0.90
N ILE A 68 -2.91 24.24 -2.02
CA ILE A 68 -2.94 22.78 -2.04
C ILE A 68 -1.50 22.28 -1.84
N GLU A 69 -0.56 22.93 -2.49
CA GLU A 69 0.86 22.55 -2.33
C GLU A 69 1.28 22.69 -0.85
N GLU A 70 0.90 23.79 -0.22
CA GLU A 70 1.24 24.03 1.21
C GLU A 70 0.57 23.01 2.14
N LEU A 71 -0.67 22.63 1.86
CA LEU A 71 -1.33 21.62 2.69
C LEU A 71 -0.62 20.33 2.61
N LYS A 72 -0.18 19.98 1.41
CA LYS A 72 0.52 18.73 1.17
C LYS A 72 1.87 18.70 1.90
N LYS A 73 2.43 19.87 2.17
CA LYS A 73 3.69 19.95 2.91
C LYS A 73 3.46 19.70 4.41
N VAL A 74 2.22 19.88 4.90
CA VAL A 74 1.93 19.67 6.32
C VAL A 74 2.04 18.17 6.64
N ASP A 75 1.36 17.34 5.84
CA ASP A 75 1.36 15.89 6.04
C ASP A 75 0.82 15.25 4.76
N ASP A 76 0.81 13.93 4.70
CA ASP A 76 0.33 13.21 3.53
C ASP A 76 -1.19 13.04 3.54
N PHE A 77 -1.93 14.10 3.84
CA PHE A 77 -3.39 13.99 3.88
C PHE A 77 -3.98 13.76 2.51
N LYS A 78 -5.07 12.99 2.46
CA LYS A 78 -5.81 12.79 1.21
C LYS A 78 -6.62 14.08 1.12
N ILE A 79 -6.69 14.68 -0.07
CA ILE A 79 -7.40 15.93 -0.24
C ILE A 79 -8.61 15.87 -1.19
N PHE A 80 -9.74 16.40 -0.72
CA PHE A 80 -10.94 16.52 -1.53
C PHE A 80 -11.18 17.98 -1.90
N LEU A 81 -10.92 18.32 -3.15
CA LEU A 81 -11.03 19.71 -3.63
C LEU A 81 -12.46 19.81 -4.09
N ASP A 82 -13.25 20.53 -3.30
CA ASP A 82 -14.69 20.70 -3.49
C ASP A 82 -15.03 22.00 -4.19
N LEU A 83 -15.06 21.97 -5.53
N LEU A 83 -14.91 21.95 -5.52
CA LEU A 83 -15.41 23.17 -6.33
CA LEU A 83 -15.22 23.06 -6.39
C LEU A 83 -16.74 23.05 -7.08
C LEU A 83 -16.25 22.36 -7.27
N LYS A 84 -17.31 21.86 -7.11
N LYS A 84 -17.52 22.61 -6.99
CA LYS A 84 -18.63 21.64 -7.76
CA LYS A 84 -18.63 21.96 -7.72
C LYS A 84 -18.78 22.26 -9.16
C LYS A 84 -18.71 22.45 -9.16
N PHE A 85 -17.88 21.88 -10.05
CA PHE A 85 -17.89 22.37 -11.44
C PHE A 85 -19.23 22.15 -12.15
N HIS A 86 -19.66 23.13 -12.92
CA HIS A 86 -20.92 23.06 -13.64
C HIS A 86 -20.81 24.02 -14.81
N ASP A 87 -20.48 23.50 -15.99
CA ASP A 87 -20.31 24.35 -17.15
C ASP A 87 -20.54 23.43 -18.34
N ILE A 88 -20.18 23.88 -19.54
CA ILE A 88 -20.35 23.05 -20.74
C ILE A 88 -19.37 21.89 -20.63
N PRO A 89 -19.67 20.76 -21.29
CA PRO A 89 -18.80 19.59 -21.20
C PRO A 89 -17.27 19.78 -21.37
N ASN A 90 -16.83 20.39 -22.48
N ASN A 90 -16.86 20.39 -22.49
CA ASN A 90 -15.39 20.56 -22.69
CA ASN A 90 -15.43 20.63 -22.76
C ASN A 90 -14.75 21.42 -21.59
C ASN A 90 -14.75 21.45 -21.65
N THR A 91 -15.47 22.42 -21.09
CA THR A 91 -14.95 23.29 -20.03
C THR A 91 -14.80 22.51 -18.71
N MET A 92 -15.74 21.64 -18.40
CA MET A 92 -15.67 20.83 -17.18
C MET A 92 -14.53 19.82 -17.31
N ALA A 93 -14.33 19.29 -18.53
CA ALA A 93 -13.25 18.34 -18.76
C ALA A 93 -11.93 19.07 -18.51
N ASP A 94 -11.79 20.27 -19.06
CA ASP A 94 -10.59 21.08 -18.89
C ASP A 94 -10.35 21.42 -17.40
N ALA A 95 -11.42 21.75 -16.68
CA ALA A 95 -11.33 22.10 -15.25
C ALA A 95 -10.87 20.93 -14.41
N CYS A 96 -11.52 19.77 -14.60
CA CYS A 96 -11.16 18.57 -13.86
C CYS A 96 -9.70 18.20 -14.17
N GLU A 97 -9.30 18.35 -15.41
CA GLU A 97 -7.92 18.06 -15.79
C GLU A 97 -6.93 18.97 -15.03
N GLU A 98 -7.21 20.27 -15.03
N GLU A 98 -7.25 20.26 -15.00
CA GLU A 98 -6.31 21.21 -14.35
CA GLU A 98 -6.40 21.25 -14.36
C GLU A 98 -6.15 20.92 -12.86
C GLU A 98 -6.18 20.94 -12.88
N VAL A 99 -7.25 20.66 -12.15
CA VAL A 99 -7.14 20.36 -10.73
C VAL A 99 -6.55 18.96 -10.49
N SER A 100 -6.76 18.03 -11.42
CA SER A 100 -6.20 16.68 -11.26
C SER A 100 -4.65 16.73 -11.34
N LYS A 101 -4.11 17.70 -12.07
CA LYS A 101 -2.64 17.87 -12.17
C LYS A 101 -2.02 18.23 -10.82
N LEU A 102 -2.83 18.73 -9.89
CA LEU A 102 -2.34 19.11 -8.55
C LEU A 102 -2.16 17.92 -7.63
N GLY A 103 -2.67 16.78 -8.04
CA GLY A 103 -2.54 15.57 -7.26
C GLY A 103 -3.58 15.40 -6.15
N VAL A 104 -4.71 16.09 -6.28
CA VAL A 104 -5.77 15.96 -5.28
C VAL A 104 -6.34 14.53 -5.39
N ASP A 105 -7.04 14.08 -4.37
CA ASP A 105 -7.53 12.71 -4.32
C ASP A 105 -8.99 12.50 -4.63
N MET A 106 -9.75 13.60 -4.61
CA MET A 106 -11.17 13.55 -4.92
C MET A 106 -11.64 14.92 -5.38
N ILE A 107 -12.53 14.94 -6.37
CA ILE A 107 -13.11 16.18 -6.86
C ILE A 107 -14.60 15.90 -7.06
N ASN A 108 -15.40 16.97 -7.25
CA ASN A 108 -16.82 16.76 -7.47
C ASN A 108 -17.35 17.70 -8.54
N ILE A 109 -18.40 17.26 -9.21
CA ILE A 109 -19.04 18.02 -10.27
C ILE A 109 -20.53 17.92 -10.07
N HIS A 110 -21.29 18.86 -10.63
CA HIS A 110 -22.74 18.81 -10.55
C HIS A 110 -23.33 17.78 -11.52
N ALA A 111 -24.15 16.87 -11.00
CA ALA A 111 -24.79 15.88 -11.84
C ALA A 111 -25.72 16.62 -12.82
N SER A 112 -26.22 17.79 -12.41
CA SER A 112 -27.12 18.55 -13.28
C SER A 112 -26.45 19.06 -14.56
N ALA A 113 -25.12 18.95 -14.65
CA ALA A 113 -24.41 19.34 -15.85
C ALA A 113 -24.77 18.37 -17.01
N GLY A 114 -25.34 17.22 -16.68
CA GLY A 114 -25.78 16.28 -17.71
C GLY A 114 -24.85 15.12 -18.04
N LYS A 115 -25.38 14.15 -18.76
CA LYS A 115 -24.62 12.95 -19.09
C LYS A 115 -23.41 13.19 -19.98
N ILE A 116 -23.50 14.14 -20.91
CA ILE A 116 -22.39 14.40 -21.83
C ILE A 116 -21.20 14.98 -21.05
N ALA A 117 -21.49 15.90 -20.13
CA ALA A 117 -20.46 16.49 -19.31
C ALA A 117 -19.80 15.39 -18.47
N ILE A 118 -20.60 14.50 -17.90
CA ILE A 118 -20.08 13.41 -17.09
C ILE A 118 -19.16 12.53 -17.93
N GLN A 119 -19.62 12.16 -19.12
CA GLN A 119 -18.82 11.31 -20.02
C GLN A 119 -17.49 11.98 -20.42
N GLU A 120 -17.55 13.27 -20.76
CA GLU A 120 -16.34 13.98 -21.15
C GLU A 120 -15.33 14.13 -20.02
N VAL A 121 -15.81 14.39 -18.80
CA VAL A 121 -14.93 14.48 -17.63
C VAL A 121 -14.21 13.12 -17.40
N MET A 122 -14.96 12.02 -17.46
CA MET A 122 -14.34 10.70 -17.24
C MET A 122 -13.37 10.30 -18.37
N THR A 123 -13.66 10.69 -19.61
CA THR A 123 -12.79 10.38 -20.74
C THR A 123 -11.47 11.15 -20.58
N ARG A 124 -11.56 12.38 -20.11
CA ARG A 124 -10.36 13.21 -19.91
C ARG A 124 -9.53 12.66 -18.75
N LEU A 125 -10.20 12.26 -17.67
CA LEU A 125 -9.50 11.75 -16.50
C LEU A 125 -8.86 10.37 -16.71
N SER A 126 -9.34 9.62 -17.70
CA SER A 126 -8.75 8.31 -17.98
C SER A 126 -7.35 8.49 -18.61
N LYS A 127 -6.99 9.73 -18.97
CA LYS A 127 -5.68 10.03 -19.56
C LYS A 127 -4.60 10.13 -18.47
N PHE A 128 -5.02 10.22 -17.22
CA PHE A 128 -4.06 10.29 -16.11
C PHE A 128 -3.64 8.88 -15.67
N SER A 129 -2.42 8.76 -15.17
CA SER A 129 -1.93 7.49 -14.67
C SER A 129 -2.67 7.17 -13.36
N LYS A 130 -2.98 8.22 -12.59
CA LYS A 130 -3.72 8.07 -11.32
C LYS A 130 -4.67 9.27 -11.22
N ARG A 131 -5.95 9.05 -11.44
CA ARG A 131 -6.92 10.14 -11.37
C ARG A 131 -7.53 10.21 -10.00
N PRO A 132 -8.12 11.35 -9.65
CA PRO A 132 -8.78 11.40 -8.38
C PRO A 132 -10.16 10.78 -8.54
N LEU A 133 -10.79 10.50 -7.40
CA LEU A 133 -12.15 9.98 -7.40
C LEU A 133 -12.99 11.17 -7.85
N VAL A 134 -14.11 10.90 -8.53
CA VAL A 134 -14.99 11.96 -8.99
C VAL A 134 -16.41 11.63 -8.52
N LEU A 135 -16.95 12.48 -7.68
CA LEU A 135 -18.29 12.32 -7.14
C LEU A 135 -19.19 13.39 -7.70
N ALA A 136 -20.48 13.10 -7.80
CA ALA A 136 -21.42 14.07 -8.31
C ALA A 136 -22.26 14.64 -7.20
N VAL A 137 -22.50 15.94 -7.28
CA VAL A 137 -23.36 16.61 -6.36
C VAL A 137 -24.75 16.35 -6.92
N SER A 138 -25.66 15.95 -6.07
CA SER A 138 -27.03 15.68 -6.48
C SER A 138 -27.84 16.92 -6.17
N ALA A 139 -28.44 16.95 -4.98
CA ALA A 139 -29.21 18.08 -4.55
C ALA A 139 -28.41 18.75 -3.45
N LEU A 140 -28.09 20.04 -3.59
CA LEU A 140 -27.34 20.74 -2.53
C LEU A 140 -28.10 20.57 -1.21
N THR A 141 -27.42 20.15 -0.14
CA THR A 141 -28.10 19.93 1.15
C THR A 141 -28.70 21.18 1.76
N SER A 142 -28.36 22.33 1.21
CA SER A 142 -28.91 23.60 1.69
C SER A 142 -30.37 23.83 1.24
N PHE A 143 -30.80 23.16 0.18
CA PHE A 143 -32.18 23.32 -0.30
C PHE A 143 -33.28 22.74 0.54
N ASP A 144 -34.41 23.43 0.56
CA ASP A 144 -35.62 22.93 1.22
C ASP A 144 -36.44 22.46 0.00
N GLU A 145 -37.48 21.65 0.24
CA GLU A 145 -38.32 21.12 -0.85
C GLU A 145 -38.93 22.15 -1.82
N GLU A 146 -39.54 23.20 -1.29
CA GLU A 146 -40.17 24.22 -2.15
C GLU A 146 -39.24 24.93 -3.14
N ASN A 147 -38.11 25.42 -2.65
CA ASN A 147 -37.18 26.10 -3.49
C ASN A 147 -36.50 25.15 -4.49
N PHE A 148 -36.33 23.89 -4.11
CA PHE A 148 -35.73 22.92 -5.00
C PHE A 148 -36.70 22.60 -6.12
N PHE A 149 -37.97 22.41 -5.76
CA PHE A 149 -38.98 22.08 -6.75
C PHE A 149 -39.13 23.21 -7.79
N SER A 150 -39.00 24.46 -7.33
N SER A 150 -38.99 24.46 -7.33
CA SER A 150 -39.11 25.62 -8.23
CA SER A 150 -39.09 25.62 -8.23
C SER A 150 -38.13 25.51 -9.40
C SER A 150 -38.14 25.49 -9.40
N ILE A 151 -36.97 24.92 -9.14
CA ILE A 151 -35.94 24.74 -10.16
C ILE A 151 -35.99 23.43 -10.96
N TYR A 152 -36.15 22.31 -10.25
CA TYR A 152 -36.12 21.02 -10.89
C TYR A 152 -37.45 20.34 -11.21
N ARG A 153 -38.52 20.85 -10.64
CA ARG A 153 -39.86 20.27 -10.87
C ARG A 153 -39.88 18.77 -10.53
N GLN A 154 -39.15 18.41 -9.48
CA GLN A 154 -39.05 17.05 -8.97
C GLN A 154 -38.81 17.23 -7.47
N LYS A 155 -39.30 16.31 -6.64
CA LYS A 155 -39.03 16.41 -5.20
C LYS A 155 -37.54 16.09 -5.03
N ILE A 156 -36.94 16.53 -3.94
CA ILE A 156 -35.50 16.29 -3.69
C ILE A 156 -35.11 14.81 -3.79
N GLU A 157 -35.84 13.94 -3.09
CA GLU A 157 -35.52 12.52 -3.11
C GLU A 157 -35.59 11.93 -4.52
N GLU A 158 -36.60 12.34 -5.29
CA GLU A 158 -36.76 11.86 -6.66
C GLU A 158 -35.56 12.28 -7.51
N ALA A 159 -35.22 13.56 -7.41
CA ALA A 159 -34.10 14.13 -8.16
C ALA A 159 -32.80 13.42 -7.79
N VAL A 160 -32.59 13.20 -6.50
CA VAL A 160 -31.35 12.52 -6.02
C VAL A 160 -31.21 11.13 -6.65
N ILE A 161 -32.30 10.37 -6.68
CA ILE A 161 -32.30 9.03 -7.28
C ILE A 161 -32.05 9.13 -8.78
N ASN A 162 -32.76 10.04 -9.44
CA ASN A 162 -32.60 10.28 -10.86
C ASN A 162 -31.14 10.64 -11.21
N PHE A 163 -30.58 11.61 -10.48
CA PHE A 163 -29.19 12.03 -10.70
C PHE A 163 -28.19 10.91 -10.42
N SER A 164 -28.47 10.12 -9.39
CA SER A 164 -27.56 9.03 -8.98
C SER A 164 -27.46 8.00 -10.10
N LYS A 165 -28.59 7.70 -10.74
N LYS A 165 -28.59 7.70 -10.74
CA LYS A 165 -28.63 6.74 -11.86
CA LYS A 165 -28.63 6.72 -11.83
C LYS A 165 -27.79 7.24 -13.01
C LYS A 165 -27.81 7.23 -13.02
N ILE A 166 -27.99 8.50 -13.38
CA ILE A 166 -27.26 9.11 -14.50
C ILE A 166 -25.75 9.08 -14.21
N SER A 167 -25.39 9.42 -12.98
CA SER A 167 -24.00 9.45 -12.56
C SER A 167 -23.37 8.06 -12.60
N TYR A 168 -24.07 7.08 -12.04
CA TYR A 168 -23.62 5.70 -12.00
C TYR A 168 -23.48 5.10 -13.40
N GLU A 169 -24.51 5.24 -14.22
CA GLU A 169 -24.46 4.69 -15.58
C GLU A 169 -23.42 5.35 -16.50
N ASN A 170 -23.05 6.60 -16.20
CA ASN A 170 -22.07 7.33 -17.03
C ASN A 170 -20.61 7.37 -16.52
N GLY A 171 -20.31 6.55 -15.50
CA GLY A 171 -18.95 6.42 -15.03
C GLY A 171 -18.41 7.08 -13.79
N LEU A 172 -19.23 7.79 -13.02
CA LEU A 172 -18.69 8.43 -11.81
C LEU A 172 -18.46 7.40 -10.70
N ASP A 173 -17.66 7.78 -9.71
CA ASP A 173 -17.34 6.91 -8.58
C ASP A 173 -18.41 6.90 -7.50
N GLY A 174 -19.17 7.99 -7.39
CA GLY A 174 -20.21 8.05 -6.36
C GLY A 174 -20.91 9.39 -6.30
N MET A 175 -21.63 9.63 -5.21
CA MET A 175 -22.37 10.89 -5.05
C MET A 175 -22.12 11.56 -3.72
N VAL A 176 -22.30 12.88 -3.72
CA VAL A 176 -22.26 13.69 -2.51
C VAL A 176 -23.77 13.69 -2.21
N CYS A 177 -24.17 13.31 -1.00
CA CYS A 177 -25.60 13.26 -0.70
C CYS A 177 -25.90 13.38 0.78
N SER A 178 -27.18 13.58 1.08
CA SER A 178 -27.64 13.64 2.43
C SER A 178 -27.46 12.26 3.02
N VAL A 179 -27.06 12.19 4.28
CA VAL A 179 -26.88 10.91 4.93
C VAL A 179 -28.18 10.11 4.92
N PHE A 180 -29.32 10.81 4.80
CA PHE A 180 -30.63 10.14 4.80
C PHE A 180 -30.99 9.51 3.45
N GLU A 181 -30.17 9.74 2.42
CA GLU A 181 -30.42 9.20 1.09
C GLU A 181 -29.34 8.18 0.65
N SER A 182 -28.25 8.10 1.41
CA SER A 182 -27.13 7.18 1.09
C SER A 182 -27.48 5.74 0.82
N LYS A 183 -28.30 5.15 1.68
CA LYS A 183 -28.67 3.76 1.53
C LYS A 183 -29.59 3.57 0.31
N LYS A 184 -30.49 4.52 0.08
CA LYS A 184 -31.41 4.46 -1.06
C LYS A 184 -30.66 4.61 -2.37
N ILE A 185 -29.62 5.45 -2.38
CA ILE A 185 -28.82 5.66 -3.59
C ILE A 185 -28.12 4.36 -3.99
N LYS A 186 -27.52 3.68 -3.03
CA LYS A 186 -26.84 2.40 -3.29
C LYS A 186 -27.81 1.32 -3.78
N GLU A 187 -28.98 1.27 -3.14
CA GLU A 187 -30.00 0.31 -3.52
C GLU A 187 -30.42 0.49 -5.00
N HIS A 188 -30.37 1.73 -5.48
N HIS A 188 -30.35 1.73 -5.49
CA HIS A 188 -30.73 2.05 -6.87
CA HIS A 188 -30.73 2.07 -6.86
C HIS A 188 -29.57 2.00 -7.88
C HIS A 188 -29.57 2.04 -7.87
N THR A 189 -28.35 1.84 -7.39
CA THR A 189 -27.16 1.78 -8.26
C THR A 189 -26.41 0.48 -7.86
N SER A 190 -25.52 0.58 -6.88
CA SER A 190 -24.81 -0.60 -6.35
C SER A 190 -24.11 -0.23 -5.05
N SER A 191 -23.83 -1.24 -4.22
CA SER A 191 -23.17 -1.00 -2.93
C SER A 191 -21.74 -0.49 -3.13
N ASN A 192 -21.20 -0.66 -4.32
CA ASN A 192 -19.85 -0.20 -4.62
C ASN A 192 -19.83 1.27 -5.08
N PHE A 193 -21.01 1.84 -5.33
CA PHE A 193 -21.13 3.23 -5.73
C PHE A 193 -21.00 4.04 -4.42
N LEU A 194 -19.99 4.90 -4.37
CA LEU A 194 -19.68 5.64 -3.17
C LEU A 194 -20.65 6.74 -2.78
N THR A 195 -20.75 6.96 -1.47
CA THR A 195 -21.57 8.02 -0.95
C THR A 195 -20.75 8.83 0.04
N LEU A 196 -20.74 10.14 -0.15
CA LEU A 196 -20.06 11.05 0.76
C LEU A 196 -21.15 11.95 1.30
N THR A 197 -21.31 11.93 2.62
CA THR A 197 -22.36 12.69 3.28
C THR A 197 -21.79 13.80 4.17
N PRO A 198 -22.02 15.06 3.79
CA PRO A 198 -21.50 16.19 4.54
C PRO A 198 -22.42 16.68 5.66
N GLY A 199 -21.92 17.63 6.45
CA GLY A 199 -22.70 18.22 7.54
C GLY A 199 -23.01 17.29 8.70
N ILE A 200 -22.18 16.28 8.89
CA ILE A 200 -22.41 15.34 9.98
C ILE A 200 -22.05 15.98 11.31
N ARG A 201 -22.96 15.81 12.27
CA ARG A 201 -22.79 16.28 13.66
C ARG A 201 -22.63 14.96 14.37
N PRO A 202 -21.38 14.50 14.48
CA PRO A 202 -21.08 13.17 15.03
C PRO A 202 -21.74 12.74 16.33
N PHE A 203 -21.86 13.64 17.29
CA PHE A 203 -22.44 13.28 18.58
C PHE A 203 -23.69 14.06 18.90
N GLY A 204 -24.40 14.50 17.86
CA GLY A 204 -25.64 15.25 18.03
C GLY A 204 -26.77 14.31 18.40
N VAL A 213 -31.42 12.95 13.30
CA VAL A 213 -30.18 13.73 13.26
C VAL A 213 -29.12 13.03 12.43
N ALA A 214 -28.28 13.83 11.77
CA ALA A 214 -27.21 13.31 10.96
C ALA A 214 -25.97 13.13 11.81
N ASN A 215 -25.99 12.10 12.66
CA ASN A 215 -24.84 11.82 13.53
C ASN A 215 -24.08 10.58 13.03
N LEU A 216 -23.06 10.14 13.76
CA LEU A 216 -22.28 8.95 13.35
C LEU A 216 -23.14 7.69 13.21
N ALA A 217 -24.07 7.49 14.14
CA ALA A 217 -24.95 6.33 14.12
C ALA A 217 -25.75 6.26 12.81
N MET A 218 -26.29 7.40 12.41
CA MET A 218 -27.05 7.47 11.18
C MET A 218 -26.13 7.18 9.99
N ALA A 219 -24.95 7.79 9.99
CA ALA A 219 -23.98 7.58 8.90
C ALA A 219 -23.62 6.10 8.78
N ARG A 220 -23.46 5.41 9.92
CA ARG A 220 -23.13 3.99 9.89
C ARG A 220 -24.27 3.15 9.37
N GLU A 221 -25.47 3.38 9.89
CA GLU A 221 -26.64 2.61 9.46
C GLU A 221 -26.98 2.85 7.98
N ASN A 222 -26.77 4.08 7.51
CA ASN A 222 -27.06 4.43 6.10
C ASN A 222 -25.87 4.20 5.11
N LEU A 223 -24.84 3.54 5.61
CA LEU A 223 -23.67 3.13 4.81
C LEU A 223 -22.81 4.21 4.15
N SER A 224 -22.64 5.35 4.81
CA SER A 224 -21.79 6.38 4.26
C SER A 224 -20.37 5.86 4.11
N ASP A 225 -19.78 6.11 2.95
CA ASP A 225 -18.40 5.69 2.70
C ASP A 225 -17.46 6.80 3.23
N TYR A 226 -17.94 8.04 3.14
CA TYR A 226 -17.19 9.20 3.62
C TYR A 226 -18.12 10.13 4.35
N ILE A 227 -17.68 10.69 5.47
CA ILE A 227 -18.47 11.69 6.17
C ILE A 227 -17.62 12.94 6.22
N VAL A 228 -18.24 14.09 6.09
CA VAL A 228 -17.52 15.36 6.18
C VAL A 228 -18.07 16.03 7.44
N VAL A 229 -17.17 16.52 8.29
CA VAL A 229 -17.52 17.19 9.54
C VAL A 229 -16.84 18.57 9.52
N GLY A 230 -17.61 19.60 9.80
CA GLY A 230 -17.09 20.96 9.80
C GLY A 230 -16.92 21.58 11.16
N ARG A 231 -17.85 22.48 11.52
CA ARG A 231 -17.78 23.17 12.81
C ARG A 231 -17.49 22.35 14.07
N PRO A 232 -18.09 21.15 14.19
CA PRO A 232 -17.83 20.35 15.39
C PRO A 232 -16.35 20.12 15.62
N ILE A 233 -15.59 20.13 14.53
CA ILE A 233 -14.14 19.96 14.63
C ILE A 233 -13.41 21.30 14.62
N TYR A 234 -13.57 22.10 13.56
CA TYR A 234 -12.80 23.36 13.49
C TYR A 234 -13.13 24.46 14.49
N LYS A 235 -14.30 24.40 15.11
N LYS A 235 -14.31 24.41 15.10
CA LYS A 235 -14.69 25.37 16.12
CA LYS A 235 -14.69 25.40 16.11
C LYS A 235 -14.53 24.84 17.53
C LYS A 235 -14.52 24.83 17.53
N ASN A 236 -14.08 23.58 17.64
CA ASN A 236 -13.89 22.99 18.94
C ASN A 236 -12.58 23.50 19.54
N GLU A 237 -12.54 23.59 20.86
CA GLU A 237 -11.37 24.07 21.58
C GLU A 237 -10.17 23.16 21.34
N ASN A 238 -10.45 21.88 21.07
CA ASN A 238 -9.39 20.90 20.83
C ASN A 238 -9.82 20.05 19.62
N PRO A 239 -9.61 20.59 18.40
CA PRO A 239 -9.98 19.90 17.18
C PRO A 239 -9.38 18.52 17.06
N ARG A 240 -8.14 18.34 17.48
CA ARG A 240 -7.51 17.02 17.38
C ARG A 240 -8.23 16.00 18.25
N ALA A 241 -8.59 16.39 19.47
CA ALA A 241 -9.29 15.49 20.37
C ALA A 241 -10.64 15.05 19.79
N VAL A 242 -11.34 15.96 19.10
CA VAL A 242 -12.62 15.61 18.52
C VAL A 242 -12.41 14.60 17.39
N CYS A 243 -11.37 14.81 16.58
CA CYS A 243 -11.09 13.89 15.49
C CYS A 243 -10.79 12.51 16.02
N GLU A 244 -9.97 12.44 17.07
CA GLU A 244 -9.61 11.15 17.66
C GLU A 244 -10.85 10.46 18.21
N LYS A 245 -11.75 11.22 18.83
CA LYS A 245 -12.97 10.65 19.39
C LYS A 245 -13.84 10.09 18.26
N ILE A 246 -13.91 10.80 17.12
CA ILE A 246 -14.71 10.34 15.99
C ILE A 246 -14.12 9.05 15.41
N LEU A 247 -12.80 9.06 15.16
CA LEU A 247 -12.13 7.90 14.60
C LEU A 247 -12.28 6.68 15.54
N ASN A 248 -12.17 6.92 16.85
CA ASN A 248 -12.32 5.83 17.81
C ASN A 248 -13.72 5.22 17.75
N LYS A 249 -14.77 6.04 17.58
CA LYS A 249 -16.09 5.45 17.53
C LYS A 249 -16.35 4.76 16.18
N ILE A 250 -15.79 5.30 15.10
CA ILE A 250 -15.95 4.68 13.78
C ILE A 250 -15.35 3.28 13.80
N HIS A 251 -14.15 3.15 14.36
CA HIS A 251 -13.47 1.87 14.43
C HIS A 251 -13.78 1.22 15.78
N ALA B 24 12.49 3.14 5.65
CA ALA B 24 12.34 3.13 7.14
C ALA B 24 12.36 1.70 7.64
N MET B 25 12.74 1.53 8.90
CA MET B 25 12.77 0.21 9.54
C MET B 25 11.49 -0.58 9.41
N LYS B 26 11.64 -1.88 9.23
CA LYS B 26 10.50 -2.76 9.11
C LYS B 26 10.40 -3.58 10.38
N LEU B 27 9.18 -3.70 10.89
CA LEU B 27 8.93 -4.45 12.11
C LEU B 27 8.50 -5.87 11.83
N CYS B 28 9.18 -6.82 12.44
N CYS B 28 9.20 -6.82 12.44
CA CYS B 28 8.87 -8.24 12.28
CA CYS B 28 8.94 -8.25 12.32
C CYS B 28 8.56 -8.76 13.68
C CYS B 28 8.55 -8.74 13.71
N VAL B 29 7.47 -9.49 13.81
CA VAL B 29 7.05 -10.03 15.07
C VAL B 29 7.37 -11.52 15.09
N ALA B 30 8.04 -11.95 16.15
CA ALA B 30 8.40 -13.35 16.31
C ALA B 30 7.17 -14.12 16.80
N LEU B 31 6.70 -15.08 16.00
CA LEU B 31 5.54 -15.89 16.39
C LEU B 31 6.05 -17.02 17.23
N ASP B 32 6.45 -16.70 18.46
CA ASP B 32 7.03 -17.71 19.33
C ASP B 32 6.18 -18.20 20.51
N LEU B 33 4.86 -18.06 20.40
CA LEU B 33 3.97 -18.58 21.44
C LEU B 33 4.11 -20.10 21.32
N SER B 34 3.90 -20.82 22.41
CA SER B 34 4.09 -22.29 22.43
C SER B 34 3.22 -23.16 21.52
N THR B 35 2.04 -22.69 21.12
CA THR B 35 1.17 -23.49 20.27
C THR B 35 0.68 -22.79 19.02
N LYS B 36 0.33 -23.60 18.03
CA LYS B 36 -0.19 -23.11 16.77
C LYS B 36 -1.39 -22.18 16.97
N GLU B 37 -2.36 -22.65 17.75
CA GLU B 37 -3.56 -21.86 18.04
C GLU B 37 -3.21 -20.49 18.61
N GLU B 38 -2.29 -20.44 19.56
CA GLU B 38 -1.87 -19.17 20.15
C GLU B 38 -1.25 -18.25 19.08
N CYS B 39 -0.41 -18.81 18.22
CA CYS B 39 0.20 -18.02 17.15
C CYS B 39 -0.81 -17.51 16.14
N LEU B 40 -1.80 -18.35 15.79
CA LEU B 40 -2.83 -17.93 14.85
C LEU B 40 -3.71 -16.85 15.46
N GLN B 41 -4.00 -16.95 16.76
CA GLN B 41 -4.81 -15.93 17.41
C GLN B 41 -4.03 -14.59 17.43
N LEU B 42 -2.73 -14.66 17.67
CA LEU B 42 -1.87 -13.47 17.68
C LEU B 42 -1.91 -12.79 16.31
N ALA B 43 -1.77 -13.58 15.25
CA ALA B 43 -1.81 -13.06 13.89
C ALA B 43 -3.13 -12.32 13.63
N LYS B 44 -4.23 -12.91 14.10
N LYS B 44 -4.23 -12.91 14.10
CA LYS B 44 -5.56 -12.32 13.91
CA LYS B 44 -5.57 -12.33 13.93
C LYS B 44 -5.67 -10.98 14.63
C LYS B 44 -5.67 -10.99 14.63
N GLU B 45 -5.02 -10.88 15.78
CA GLU B 45 -5.03 -9.63 16.55
C GLU B 45 -4.17 -8.54 15.88
N LEU B 46 -3.27 -8.96 15.00
CA LEU B 46 -2.39 -8.03 14.28
C LEU B 46 -2.83 -7.79 12.82
N LYS B 47 -4.02 -8.26 12.44
CA LYS B 47 -4.50 -8.05 11.05
C LYS B 47 -4.45 -6.60 10.62
N ASN B 48 -4.10 -6.39 9.34
CA ASN B 48 -4.05 -5.06 8.73
C ASN B 48 -2.87 -4.18 9.09
N LEU B 49 -1.99 -4.63 9.99
CA LEU B 49 -0.83 -3.85 10.35
C LEU B 49 0.29 -4.11 9.36
N ASP B 50 1.09 -3.08 9.09
CA ASP B 50 2.20 -3.19 8.16
C ASP B 50 3.38 -3.83 8.91
N ILE B 51 3.32 -5.15 9.05
CA ILE B 51 4.38 -5.87 9.75
C ILE B 51 4.70 -7.23 9.10
N TRP B 52 5.84 -7.77 9.49
CA TRP B 52 6.29 -9.06 9.03
C TRP B 52 6.09 -10.01 10.18
N LEU B 53 5.88 -11.28 9.87
CA LEU B 53 5.77 -12.32 10.90
C LEU B 53 6.92 -13.26 10.68
N LYS B 54 7.57 -13.68 11.78
CA LYS B 54 8.69 -14.60 11.68
C LYS B 54 8.24 -15.95 12.24
N VAL B 55 8.36 -16.98 11.39
CA VAL B 55 7.99 -18.35 11.74
C VAL B 55 9.29 -19.11 11.98
N GLY B 56 9.42 -19.70 13.15
CA GLY B 56 10.63 -20.41 13.53
C GLY B 56 10.64 -21.90 13.33
N LEU B 57 11.76 -22.49 13.74
CA LEU B 57 12.03 -23.90 13.59
C LEU B 57 11.02 -24.86 14.22
N ARG B 58 10.74 -24.72 15.51
CA ARG B 58 9.82 -25.67 16.14
C ARG B 58 8.43 -25.65 15.50
N ALA B 59 7.94 -24.45 15.19
CA ALA B 59 6.61 -24.31 14.57
C ALA B 59 6.56 -25.00 13.21
N TYR B 60 7.60 -24.82 12.39
CA TYR B 60 7.60 -25.43 11.09
C TYR B 60 7.73 -26.96 11.17
N LEU B 61 8.60 -27.45 12.06
CA LEU B 61 8.77 -28.90 12.23
C LEU B 61 7.47 -29.58 12.65
N ARG B 62 6.73 -28.91 13.52
CA ARG B 62 5.50 -29.43 14.04
C ARG B 62 4.32 -29.38 13.08
N ASP B 63 4.10 -28.21 12.48
CA ASP B 63 2.95 -27.98 11.60
C ASP B 63 3.18 -27.95 10.08
N GLY B 64 4.43 -27.75 9.65
CA GLY B 64 4.78 -27.72 8.23
C GLY B 64 4.26 -26.52 7.43
N PHE B 65 4.26 -26.67 6.11
CA PHE B 65 3.82 -25.61 5.21
C PHE B 65 2.36 -25.20 5.41
N LYS B 66 1.53 -26.10 5.94
CA LYS B 66 0.11 -25.83 6.16
C LYS B 66 -0.01 -24.64 7.12
N PHE B 67 0.92 -24.52 8.07
CA PHE B 67 0.89 -23.41 9.01
C PHE B 67 1.08 -22.08 8.27
N ILE B 68 1.96 -22.06 7.26
CA ILE B 68 2.18 -20.85 6.48
C ILE B 68 0.87 -20.49 5.71
N GLU B 69 0.22 -21.51 5.14
CA GLU B 69 -1.04 -21.31 4.41
C GLU B 69 -2.09 -20.73 5.36
N GLU B 70 -2.15 -21.29 6.58
CA GLU B 70 -3.11 -20.84 7.58
C GLU B 70 -2.85 -19.37 8.03
N LEU B 71 -1.59 -18.94 8.07
CA LEU B 71 -1.27 -17.54 8.43
C LEU B 71 -1.71 -16.60 7.33
N LYS B 72 -1.53 -17.00 6.08
CA LYS B 72 -1.93 -16.18 4.94
C LYS B 72 -3.44 -16.08 4.82
N LYS B 73 -4.16 -17.01 5.41
CA LYS B 73 -5.62 -16.97 5.36
C LYS B 73 -6.09 -15.88 6.32
N VAL B 74 -5.22 -15.49 7.26
CA VAL B 74 -5.54 -14.42 8.22
C VAL B 74 -5.39 -13.02 7.60
N ASP B 75 -4.28 -12.81 6.93
N ASP B 75 -4.27 -12.70 6.93
CA ASP B 75 -3.97 -11.57 6.28
CA ASP B 75 -4.14 -11.32 6.34
C ASP B 75 -2.78 -11.89 5.40
C ASP B 75 -3.02 -10.92 5.36
N ASP B 76 -2.50 -11.05 4.39
N ASP B 76 -2.50 -11.82 4.55
CA ASP B 76 -1.38 -11.32 3.52
CA ASP B 76 -1.46 -11.43 3.57
C ASP B 76 -0.13 -10.71 4.16
C ASP B 76 -0.21 -10.73 4.18
N PHE B 77 0.24 -11.22 5.34
CA PHE B 77 1.42 -10.68 6.02
C PHE B 77 2.65 -11.13 5.25
N LYS B 78 3.72 -10.34 5.33
CA LYS B 78 4.98 -10.74 4.70
C LYS B 78 5.54 -11.71 5.74
N ILE B 79 6.11 -12.82 5.27
CA ILE B 79 6.63 -13.86 6.15
C ILE B 79 8.12 -14.15 6.05
N PHE B 80 8.78 -14.15 7.19
CA PHE B 80 10.19 -14.50 7.27
C PHE B 80 10.23 -15.91 7.89
N LEU B 81 10.62 -16.90 7.09
CA LEU B 81 10.71 -18.29 7.56
C LEU B 81 12.16 -18.48 8.03
N ASP B 82 12.31 -18.46 9.35
CA ASP B 82 13.57 -18.57 10.04
C ASP B 82 13.95 -20.01 10.36
N LEU B 83 14.47 -20.69 9.36
N LEU B 83 14.62 -20.69 9.42
CA LEU B 83 14.95 -22.05 9.47
CA LEU B 83 15.06 -22.08 9.62
C LEU B 83 16.37 -21.84 9.01
C LEU B 83 16.58 -22.26 9.69
N LYS B 84 17.29 -21.78 9.96
N LYS B 84 17.33 -21.20 9.40
CA LYS B 84 18.70 -21.52 9.64
CA LYS B 84 18.81 -21.26 9.48
C LYS B 84 19.32 -22.72 8.99
C LYS B 84 19.46 -22.54 8.91
N PHE B 85 19.18 -22.83 7.65
CA PHE B 85 19.72 -24.00 6.97
C PHE B 85 21.25 -24.04 7.01
N HIS B 86 21.78 -25.23 7.28
CA HIS B 86 23.25 -25.39 7.37
C HIS B 86 23.53 -26.86 6.98
N ASP B 87 23.88 -27.10 5.73
CA ASP B 87 24.10 -28.47 5.29
C ASP B 87 25.00 -28.39 4.08
N ILE B 88 25.19 -29.50 3.39
CA ILE B 88 26.03 -29.48 2.20
C ILE B 88 25.36 -28.54 1.18
N PRO B 89 26.15 -27.98 0.26
CA PRO B 89 25.59 -27.04 -0.70
C PRO B 89 24.35 -27.46 -1.50
N ASN B 90 24.36 -28.64 -2.11
N ASN B 90 24.39 -28.65 -2.10
CA ASN B 90 23.22 -29.08 -2.89
CA ASN B 90 23.28 -29.17 -2.90
C ASN B 90 21.99 -29.21 -2.03
C ASN B 90 22.00 -29.32 -2.06
N THR B 91 22.16 -29.70 -0.81
CA THR B 91 21.04 -29.88 0.12
C THR B 91 20.45 -28.54 0.52
N MET B 92 21.31 -27.54 0.72
CA MET B 92 20.84 -26.21 1.09
C MET B 92 20.08 -25.58 -0.07
N ALA B 93 20.56 -25.82 -1.30
CA ALA B 93 19.90 -25.28 -2.48
C ALA B 93 18.52 -25.92 -2.60
N ASP B 94 18.44 -27.24 -2.38
CA ASP B 94 17.16 -27.96 -2.44
C ASP B 94 16.20 -27.44 -1.35
N ALA B 95 16.71 -27.25 -0.14
CA ALA B 95 15.91 -26.76 0.97
C ALA B 95 15.37 -25.35 0.70
N CYS B 96 16.22 -24.44 0.23
CA CYS B 96 15.78 -23.08 -0.08
C CYS B 96 14.77 -23.09 -1.21
N GLU B 97 14.96 -23.99 -2.18
CA GLU B 97 14.00 -24.09 -3.26
C GLU B 97 12.62 -24.53 -2.72
N GLU B 98 12.59 -25.57 -1.89
N GLU B 98 12.62 -25.56 -1.88
CA GLU B 98 11.32 -26.07 -1.34
CA GLU B 98 11.37 -26.10 -1.34
C GLU B 98 10.53 -25.03 -0.60
C GLU B 98 10.54 -25.07 -0.58
N VAL B 99 11.18 -24.27 0.28
CA VAL B 99 10.46 -23.24 1.05
C VAL B 99 10.12 -22.01 0.21
N SER B 100 10.92 -21.74 -0.83
CA SER B 100 10.65 -20.59 -1.71
C SER B 100 9.37 -20.85 -2.54
N LYS B 101 9.04 -22.12 -2.75
CA LYS B 101 7.84 -22.49 -3.49
C LYS B 101 6.60 -22.18 -2.67
N LEU B 102 6.79 -21.94 -1.37
CA LEU B 102 5.67 -21.61 -0.46
C LEU B 102 5.27 -20.16 -0.56
N GLY B 103 6.09 -19.34 -1.20
CA GLY B 103 5.75 -17.93 -1.34
C GLY B 103 6.15 -17.06 -0.17
N VAL B 104 7.11 -17.52 0.63
CA VAL B 104 7.59 -16.75 1.77
C VAL B 104 8.43 -15.61 1.24
N ASP B 105 8.58 -14.58 2.05
CA ASP B 105 9.25 -13.35 1.65
C ASP B 105 10.71 -13.20 2.02
N MET B 106 11.15 -13.99 2.99
CA MET B 106 12.54 -13.95 3.43
C MET B 106 12.89 -15.28 4.07
N ILE B 107 14.13 -15.71 3.87
CA ILE B 107 14.63 -16.94 4.48
C ILE B 107 16.03 -16.66 4.92
N ASN B 108 16.61 -17.55 5.73
CA ASN B 108 17.99 -17.36 6.16
C ASN B 108 18.79 -18.65 6.17
N ILE B 109 20.10 -18.49 6.04
CA ILE B 109 21.01 -19.62 6.04
C ILE B 109 22.21 -19.25 6.87
N HIS B 110 22.96 -20.23 7.32
CA HIS B 110 24.18 -19.94 8.09
C HIS B 110 25.30 -19.58 7.18
N ALA B 111 25.97 -18.47 7.47
CA ALA B 111 27.13 -18.03 6.71
C ALA B 111 28.22 -19.10 6.87
N SER B 112 28.22 -19.76 8.04
CA SER B 112 29.22 -20.80 8.30
C SER B 112 29.14 -21.98 7.31
N ALA B 113 28.05 -22.05 6.52
CA ALA B 113 27.91 -23.10 5.51
C ALA B 113 28.97 -22.95 4.43
N GLY B 114 29.56 -21.74 4.31
CA GLY B 114 30.63 -21.49 3.33
C GLY B 114 30.21 -20.85 2.02
N LYS B 115 31.17 -20.32 1.29
CA LYS B 115 30.86 -19.63 0.03
C LYS B 115 30.24 -20.48 -1.06
N ILE B 116 30.60 -21.76 -1.14
CA ILE B 116 30.02 -22.62 -2.18
C ILE B 116 28.55 -22.83 -1.94
N ALA B 117 28.19 -23.06 -0.67
CA ALA B 117 26.81 -23.25 -0.29
C ALA B 117 26.03 -21.99 -0.65
N ILE B 118 26.61 -20.83 -0.34
CA ILE B 118 25.96 -19.53 -0.65
C ILE B 118 25.74 -19.39 -2.15
N GLN B 119 26.76 -19.71 -2.94
CA GLN B 119 26.65 -19.62 -4.39
C GLN B 119 25.55 -20.54 -4.92
N GLU B 120 25.51 -21.80 -4.47
CA GLU B 120 24.50 -22.75 -4.97
C GLU B 120 23.08 -22.32 -4.61
N VAL B 121 22.91 -21.77 -3.42
CA VAL B 121 21.61 -21.29 -3.00
C VAL B 121 21.15 -20.15 -3.89
N MET B 122 22.03 -19.19 -4.17
CA MET B 122 21.62 -18.07 -5.00
C MET B 122 21.41 -18.49 -6.45
N THR B 123 22.25 -19.41 -6.95
CA THR B 123 22.08 -19.88 -8.32
C THR B 123 20.69 -20.58 -8.45
N ARG B 124 20.34 -21.39 -7.46
CA ARG B 124 19.05 -22.09 -7.46
C ARG B 124 17.87 -21.11 -7.37
N LEU B 125 17.97 -20.12 -6.49
CA LEU B 125 16.89 -19.15 -6.32
C LEU B 125 16.69 -18.20 -7.50
N SER B 126 17.70 -18.06 -8.34
CA SER B 126 17.56 -17.18 -9.52
C SER B 126 16.62 -17.84 -10.54
N LYS B 127 16.24 -19.09 -10.30
CA LYS B 127 15.35 -19.79 -11.21
C LYS B 127 13.86 -19.42 -10.97
N PHE B 128 13.59 -18.74 -9.85
CA PHE B 128 12.23 -18.30 -9.51
C PHE B 128 11.94 -16.93 -10.13
N SER B 129 10.68 -16.69 -10.48
CA SER B 129 10.32 -15.40 -11.04
C SER B 129 10.46 -14.34 -9.94
N LYS B 130 10.10 -14.72 -8.72
CA LYS B 130 10.19 -13.83 -7.56
C LYS B 130 10.73 -14.60 -6.36
N ARG B 131 12.01 -14.47 -6.10
CA ARG B 131 12.60 -15.20 -4.98
C ARG B 131 12.48 -14.41 -3.68
N PRO B 132 12.52 -15.10 -2.56
CA PRO B 132 12.48 -14.38 -1.31
C PRO B 132 13.87 -13.76 -1.06
N LEU B 133 13.96 -12.84 -0.12
CA LEU B 133 15.23 -12.26 0.26
C LEU B 133 15.97 -13.35 1.02
N VAL B 134 17.29 -13.39 0.91
CA VAL B 134 18.07 -14.40 1.62
C VAL B 134 19.12 -13.72 2.47
N LEU B 135 19.03 -13.93 3.79
CA LEU B 135 20.00 -13.34 4.71
C LEU B 135 20.82 -14.44 5.33
N ALA B 136 22.03 -14.09 5.76
CA ALA B 136 22.88 -15.05 6.43
C ALA B 136 23.00 -14.79 7.91
N VAL B 137 22.96 -15.86 8.69
CA VAL B 137 23.15 -15.75 10.10
C VAL B 137 24.66 -15.61 10.27
N SER B 138 25.09 -14.60 11.02
CA SER B 138 26.50 -14.38 11.28
C SER B 138 26.85 -15.19 12.52
N ALA B 139 26.79 -14.55 13.68
CA ALA B 139 27.06 -15.19 14.95
C ALA B 139 25.71 -15.23 15.67
N LEU B 140 25.27 -16.40 16.13
CA LEU B 140 23.98 -16.48 16.86
C LEU B 140 24.06 -15.49 18.02
N THR B 141 22.99 -14.72 18.24
CA THR B 141 23.01 -13.71 19.30
C THR B 141 23.12 -14.31 20.70
N SER B 142 22.87 -15.61 20.82
CA SER B 142 22.94 -16.30 22.10
C SER B 142 24.36 -16.51 22.61
N PHE B 143 25.35 -16.46 21.72
CA PHE B 143 26.73 -16.66 22.15
C PHE B 143 27.40 -15.55 22.95
N ASP B 144 28.25 -15.98 23.89
CA ASP B 144 29.09 -15.08 24.66
C ASP B 144 30.46 -15.32 24.00
N GLU B 145 31.41 -14.43 24.23
CA GLU B 145 32.75 -14.53 23.62
C GLU B 145 33.50 -15.85 23.79
N GLU B 146 33.59 -16.34 25.02
CA GLU B 146 34.33 -17.58 25.29
C GLU B 146 33.84 -18.82 24.53
N ASN B 147 32.53 -19.08 24.58
CA ASN B 147 31.99 -20.24 23.90
C ASN B 147 32.06 -20.10 22.38
N PHE B 148 32.02 -18.87 21.89
CA PHE B 148 32.10 -18.64 20.45
C PHE B 148 33.52 -18.90 19.97
N PHE B 149 34.50 -18.40 20.73
CA PHE B 149 35.90 -18.58 20.39
C PHE B 149 36.27 -20.07 20.35
N SER B 150 35.65 -20.86 21.23
CA SER B 150 35.92 -22.30 21.28
C SER B 150 35.61 -22.96 19.93
N ILE B 151 34.58 -22.46 19.27
CA ILE B 151 34.16 -22.99 17.99
C ILE B 151 34.83 -22.34 16.77
N TYR B 152 34.86 -21.01 16.75
CA TYR B 152 35.38 -20.29 15.60
C TYR B 152 36.79 -19.74 15.64
N ARG B 153 37.43 -19.75 16.80
CA ARG B 153 38.79 -19.23 16.93
C ARG B 153 38.89 -17.79 16.42
N GLN B 154 37.84 -17.03 16.71
CA GLN B 154 37.70 -15.66 16.32
C GLN B 154 36.83 -14.94 17.34
N LYS B 155 37.02 -13.64 17.51
CA LYS B 155 36.15 -12.90 18.41
C LYS B 155 34.83 -12.76 17.65
N ILE B 156 33.73 -12.48 18.35
CA ILE B 156 32.43 -12.36 17.67
C ILE B 156 32.46 -11.28 16.60
N GLU B 157 32.96 -10.10 16.96
N GLU B 157 32.95 -10.09 16.94
CA GLU B 157 33.04 -8.98 16.01
CA GLU B 157 32.99 -9.00 15.97
C GLU B 157 33.86 -9.33 14.77
C GLU B 157 33.84 -9.37 14.74
N GLU B 158 34.99 -10.01 14.97
CA GLU B 158 35.88 -10.42 13.86
C GLU B 158 35.16 -11.39 12.92
N ALA B 159 34.49 -12.38 13.50
CA ALA B 159 33.76 -13.38 12.73
C ALA B 159 32.60 -12.75 11.95
N VAL B 160 31.83 -11.88 12.62
CA VAL B 160 30.68 -11.22 11.96
C VAL B 160 31.10 -10.44 10.69
N ILE B 161 32.21 -9.71 10.78
CA ILE B 161 32.72 -8.97 9.61
C ILE B 161 33.20 -9.95 8.53
N ASN B 162 33.95 -10.98 8.95
CA ASN B 162 34.45 -12.02 8.02
C ASN B 162 33.28 -12.66 7.25
N PHE B 163 32.31 -13.15 8.00
CA PHE B 163 31.13 -13.79 7.43
C PHE B 163 30.35 -12.81 6.55
N SER B 164 30.20 -11.57 7.00
CA SER B 164 29.44 -10.58 6.25
C SER B 164 30.07 -10.34 4.88
N LYS B 165 31.40 -10.24 4.82
CA LYS B 165 32.10 -10.03 3.55
C LYS B 165 31.89 -11.24 2.63
N ILE B 166 31.96 -12.45 3.19
CA ILE B 166 31.76 -13.65 2.40
C ILE B 166 30.32 -13.67 1.83
N SER B 167 29.36 -13.30 2.66
CA SER B 167 27.96 -13.28 2.27
C SER B 167 27.70 -12.22 1.20
N TYR B 168 28.24 -11.04 1.41
CA TYR B 168 28.08 -9.94 0.47
C TYR B 168 28.70 -10.22 -0.91
N GLU B 169 29.94 -10.70 -0.90
CA GLU B 169 30.65 -10.99 -2.15
C GLU B 169 30.06 -12.15 -2.93
N ASN B 170 29.35 -13.05 -2.25
CA ASN B 170 28.75 -14.22 -2.89
C ASN B 170 27.25 -14.15 -3.23
N GLY B 171 26.68 -12.94 -3.19
CA GLY B 171 25.29 -12.74 -3.59
C GLY B 171 24.15 -12.65 -2.61
N LEU B 172 24.39 -12.74 -1.30
CA LEU B 172 23.26 -12.66 -0.34
C LEU B 172 22.75 -11.22 -0.24
N ASP B 173 21.52 -11.06 0.25
CA ASP B 173 20.89 -9.73 0.39
C ASP B 173 21.27 -9.02 1.67
N GLY B 174 21.68 -9.77 2.69
CA GLY B 174 22.03 -9.16 3.95
C GLY B 174 22.36 -10.16 5.03
N MET B 175 22.44 -9.67 6.27
CA MET B 175 22.77 -10.51 7.41
C MET B 175 21.83 -10.33 8.55
N VAL B 176 21.75 -11.38 9.37
CA VAL B 176 21.00 -11.33 10.61
C VAL B 176 22.14 -11.00 11.57
N CYS B 177 21.97 -10.00 12.40
CA CYS B 177 23.05 -9.63 13.31
C CYS B 177 22.56 -8.90 14.52
N SER B 178 23.46 -8.73 15.48
CA SER B 178 23.17 -8.00 16.67
C SER B 178 23.00 -6.56 16.27
N VAL B 179 22.15 -5.84 16.97
CA VAL B 179 21.95 -4.46 16.63
C VAL B 179 23.29 -3.70 16.78
N PHE B 180 24.18 -4.21 17.64
CA PHE B 180 25.49 -3.56 17.89
C PHE B 180 26.56 -3.79 16.79
N GLU B 181 26.24 -4.62 15.79
CA GLU B 181 27.18 -4.88 14.71
C GLU B 181 26.66 -4.37 13.35
N SER B 182 25.39 -3.98 13.31
CA SER B 182 24.75 -3.50 12.07
C SER B 182 25.50 -2.41 11.27
N LYS B 183 25.88 -1.31 11.92
CA LYS B 183 26.58 -0.24 11.22
C LYS B 183 27.94 -0.69 10.69
N LYS B 184 28.67 -1.45 11.50
CA LYS B 184 30.00 -1.94 11.14
C LYS B 184 29.90 -2.89 9.95
N ILE B 185 28.84 -3.68 9.90
CA ILE B 185 28.64 -4.61 8.79
C ILE B 185 28.47 -3.81 7.52
N LYS B 186 27.60 -2.81 7.57
CA LYS B 186 27.36 -1.95 6.40
C LYS B 186 28.62 -1.22 5.98
N GLU B 187 29.39 -0.76 6.97
CA GLU B 187 30.66 -0.06 6.73
C GLU B 187 31.66 -0.94 5.94
N HIS B 188 31.69 -2.23 6.25
CA HIS B 188 32.60 -3.17 5.57
C HIS B 188 32.06 -3.81 4.29
N THR B 189 30.80 -3.54 3.98
CA THR B 189 30.15 -4.06 2.77
C THR B 189 29.54 -2.85 2.07
N SER B 190 28.27 -2.57 2.32
CA SER B 190 27.61 -1.40 1.74
C SER B 190 26.36 -1.09 2.55
N SER B 191 25.92 0.15 2.49
CA SER B 191 24.73 0.58 3.20
C SER B 191 23.49 -0.17 2.72
N ASN B 192 23.54 -0.66 1.49
CA ASN B 192 22.42 -1.39 0.92
C ASN B 192 22.42 -2.88 1.18
N PHE B 193 23.41 -3.32 1.94
CA PHE B 193 23.48 -4.72 2.32
C PHE B 193 22.61 -4.69 3.58
N LEU B 194 21.51 -5.44 3.56
CA LEU B 194 20.57 -5.45 4.64
C LEU B 194 21.01 -6.03 5.95
N THR B 195 20.49 -5.46 7.03
CA THR B 195 20.76 -5.99 8.36
C THR B 195 19.41 -6.20 9.05
N LEU B 196 19.25 -7.38 9.64
CA LEU B 196 18.06 -7.73 10.39
C LEU B 196 18.55 -8.01 11.81
N THR B 197 18.02 -7.27 12.77
CA THR B 197 18.44 -7.37 14.16
C THR B 197 17.33 -7.88 15.09
N PRO B 198 17.49 -9.10 15.62
CA PRO B 198 16.48 -9.68 16.49
C PRO B 198 16.64 -9.33 17.95
N GLY B 199 15.62 -9.65 18.75
CA GLY B 199 15.68 -9.42 20.18
C GLY B 199 15.58 -7.98 20.61
N ILE B 200 14.99 -7.12 19.79
CA ILE B 200 14.85 -5.73 20.15
C ILE B 200 13.78 -5.55 21.24
N ARG B 201 14.13 -4.78 22.27
CA ARG B 201 13.22 -4.46 23.37
C ARG B 201 12.95 -2.99 23.07
N PRO B 202 11.91 -2.73 22.28
CA PRO B 202 11.58 -1.39 21.79
C PRO B 202 11.66 -0.24 22.77
N PHE B 203 11.16 -0.43 23.98
CA PHE B 203 11.16 0.66 24.95
C PHE B 203 12.01 0.35 26.19
N GLY B 204 13.03 -0.49 26.01
CA GLY B 204 13.92 -0.85 27.11
C GLY B 204 14.79 0.34 27.48
N GLU B 205 15.26 0.37 28.72
CA GLU B 205 16.10 1.45 29.22
C GLU B 205 17.39 0.90 29.80
N THR B 206 18.39 1.77 29.96
CA THR B 206 19.69 1.37 30.51
C THR B 206 19.62 1.03 31.99
N VAL B 213 21.72 -0.65 25.57
CA VAL B 213 20.36 -1.19 25.46
C VAL B 213 19.91 -1.35 23.99
N ALA B 214 19.44 -2.56 23.65
CA ALA B 214 18.96 -2.87 22.29
C ALA B 214 17.50 -2.44 22.09
N ASN B 215 17.27 -1.13 22.08
CA ASN B 215 15.91 -0.59 21.89
C ASN B 215 15.72 0.02 20.49
N LEU B 216 14.54 0.57 20.22
CA LEU B 216 14.26 1.18 18.90
C LEU B 216 15.27 2.25 18.51
N ALA B 217 15.58 3.14 19.46
CA ALA B 217 16.53 4.21 19.21
C ALA B 217 17.89 3.65 18.78
N MET B 218 18.30 2.55 19.41
CA MET B 218 19.59 1.93 19.10
C MET B 218 19.55 1.34 17.67
N ALA B 219 18.45 0.67 17.34
CA ALA B 219 18.26 0.08 16.01
C ALA B 219 18.23 1.19 14.95
N ARG B 220 17.57 2.30 15.28
CA ARG B 220 17.48 3.40 14.34
C ARG B 220 18.87 3.97 14.05
N GLU B 221 19.60 4.28 15.13
CA GLU B 221 20.94 4.84 15.01
C GLU B 221 21.91 3.89 14.32
N ASN B 222 21.77 2.58 14.57
CA ASN B 222 22.66 1.59 13.95
C ASN B 222 22.20 1.07 12.56
N LEU B 223 21.21 1.77 12.00
CA LEU B 223 20.67 1.50 10.67
C LEU B 223 20.07 0.12 10.39
N SER B 224 19.40 -0.48 11.36
CA SER B 224 18.78 -1.77 11.11
C SER B 224 17.73 -1.55 10.03
N ASP B 225 17.67 -2.47 9.07
CA ASP B 225 16.69 -2.42 8.00
C ASP B 225 15.42 -3.14 8.51
N TYR B 226 15.65 -4.17 9.32
CA TYR B 226 14.58 -4.96 9.92
C TYR B 226 14.87 -5.19 11.38
N ILE B 227 13.83 -5.12 12.21
CA ILE B 227 13.98 -5.44 13.62
C ILE B 227 12.96 -6.53 13.91
N VAL B 228 13.35 -7.46 14.78
CA VAL B 228 12.44 -8.50 15.17
C VAL B 228 12.19 -8.31 16.67
N VAL B 229 10.94 -8.32 17.05
CA VAL B 229 10.54 -8.15 18.45
C VAL B 229 9.74 -9.38 18.85
N GLY B 230 10.10 -9.99 19.97
CA GLY B 230 9.43 -11.17 20.47
C GLY B 230 8.50 -10.92 21.64
N ARG B 231 8.93 -11.31 22.83
CA ARG B 231 8.11 -11.17 24.06
C ARG B 231 7.45 -9.81 24.30
N PRO B 232 8.16 -8.69 24.05
CA PRO B 232 7.51 -7.39 24.29
C PRO B 232 6.18 -7.27 23.58
N ILE B 233 6.01 -7.99 22.48
CA ILE B 233 4.77 -8.01 21.75
C ILE B 233 3.90 -9.21 22.10
N TYR B 234 4.38 -10.44 21.88
CA TYR B 234 3.53 -11.60 22.14
C TYR B 234 3.15 -11.90 23.60
N LYS B 235 3.88 -11.35 24.57
CA LYS B 235 3.52 -11.58 25.96
C LYS B 235 2.80 -10.37 26.54
N ASN B 236 2.59 -9.33 25.73
CA ASN B 236 1.89 -8.15 26.22
C ASN B 236 0.38 -8.41 26.28
N GLU B 237 -0.28 -7.74 27.21
CA GLU B 237 -1.72 -7.88 27.39
C GLU B 237 -2.47 -7.46 26.13
N ASN B 238 -1.88 -6.51 25.40
CA ASN B 238 -2.48 -6.00 24.17
C ASN B 238 -1.40 -5.88 23.09
N PRO B 239 -1.07 -7.03 22.44
CA PRO B 239 -0.05 -7.07 21.40
C PRO B 239 -0.25 -6.04 20.28
N ARG B 240 -1.48 -5.82 19.85
CA ARG B 240 -1.73 -4.86 18.78
C ARG B 240 -1.33 -3.45 19.20
N ALA B 241 -1.59 -3.09 20.46
CA ALA B 241 -1.25 -1.76 20.96
C ALA B 241 0.26 -1.54 20.90
N VAL B 242 1.03 -2.54 21.32
CA VAL B 242 2.48 -2.44 21.28
C VAL B 242 2.99 -2.25 19.84
N CYS B 243 2.47 -3.04 18.89
CA CYS B 243 2.88 -2.91 17.49
C CYS B 243 2.57 -1.51 16.97
N GLU B 244 1.36 -1.03 17.26
CA GLU B 244 0.95 0.31 16.79
C GLU B 244 1.85 1.39 17.38
N LYS B 245 2.25 1.23 18.64
CA LYS B 245 3.15 2.19 19.28
C LYS B 245 4.50 2.17 18.56
N ILE B 246 5.03 0.98 18.32
CA ILE B 246 6.32 0.85 17.62
C ILE B 246 6.25 1.47 16.22
N LEU B 247 5.19 1.14 15.47
CA LEU B 247 5.03 1.68 14.12
C LEU B 247 4.93 3.20 14.11
N ASN B 248 4.21 3.76 15.07
CA ASN B 248 4.07 5.23 15.18
C ASN B 248 5.44 5.86 15.36
N LYS B 249 6.26 5.28 16.24
CA LYS B 249 7.60 5.78 16.48
C LYS B 249 8.41 5.81 15.20
N ILE B 250 8.50 4.65 14.56
CA ILE B 250 9.24 4.52 13.32
C ILE B 250 8.75 5.52 12.27
N HIS B 251 7.44 5.57 12.06
CA HIS B 251 6.86 6.47 11.08
C HIS B 251 6.37 7.78 11.70
N MET C 25 28.91 -52.95 13.12
CA MET C 25 28.64 -51.87 12.10
C MET C 25 27.23 -51.98 11.50
N LYS C 26 26.53 -50.86 11.47
CA LYS C 26 25.18 -50.82 10.95
C LYS C 26 25.12 -50.08 9.63
N LEU C 27 24.22 -50.53 8.75
CA LEU C 27 24.02 -49.91 7.43
C LEU C 27 22.79 -49.03 7.42
N CYS C 28 22.98 -47.80 6.98
CA CYS C 28 21.90 -46.82 6.86
C CYS C 28 21.84 -46.43 5.39
N VAL C 29 20.65 -46.41 4.85
CA VAL C 29 20.43 -46.05 3.46
C VAL C 29 19.85 -44.64 3.36
N ALA C 30 20.49 -43.77 2.59
CA ALA C 30 20.00 -42.42 2.41
C ALA C 30 18.80 -42.47 1.44
N LEU C 31 17.63 -42.09 1.93
CA LEU C 31 16.42 -42.08 1.08
C LEU C 31 16.40 -40.81 0.32
N ASP C 32 17.31 -40.65 -0.64
CA ASP C 32 17.40 -39.40 -1.38
C ASP C 32 16.84 -39.36 -2.80
N LEU C 33 15.87 -40.21 -3.08
CA LEU C 33 15.24 -40.18 -4.40
C LEU C 33 14.43 -38.88 -4.43
N SER C 34 14.16 -38.36 -5.63
CA SER C 34 13.45 -37.09 -5.82
C SER C 34 12.04 -36.92 -5.26
N THR C 35 11.20 -37.94 -5.34
CA THR C 35 9.84 -37.80 -4.83
C THR C 35 9.51 -38.74 -3.67
N LYS C 36 8.47 -38.40 -2.93
N LYS C 36 8.45 -38.40 -2.94
CA LYS C 36 8.04 -39.23 -1.79
CA LYS C 36 8.00 -39.19 -1.81
C LYS C 36 7.61 -40.62 -2.26
C LYS C 36 7.59 -40.59 -2.25
N GLU C 37 6.92 -40.68 -3.41
CA GLU C 37 6.46 -41.96 -3.95
C GLU C 37 7.64 -42.90 -4.21
N GLU C 38 8.69 -42.37 -4.84
CA GLU C 38 9.89 -43.16 -5.12
C GLU C 38 10.55 -43.64 -3.82
N CYS C 39 10.65 -42.74 -2.85
CA CYS C 39 11.24 -43.10 -1.57
C CYS C 39 10.45 -44.20 -0.85
N LEU C 40 9.12 -44.12 -0.87
CA LEU C 40 8.29 -45.14 -0.23
C LEU C 40 8.43 -46.48 -0.96
N GLN C 41 8.55 -46.44 -2.29
CA GLN C 41 8.74 -47.65 -3.06
C GLN C 41 10.12 -48.26 -2.72
N LEU C 42 11.15 -47.41 -2.57
CA LEU C 42 12.48 -47.94 -2.22
C LEU C 42 12.38 -48.63 -0.86
N ALA C 43 11.69 -48.00 0.09
CA ALA C 43 11.52 -48.56 1.42
C ALA C 43 10.85 -49.92 1.34
N LYS C 44 9.87 -50.06 0.45
CA LYS C 44 9.17 -51.32 0.26
C LYS C 44 10.10 -52.41 -0.31
N GLU C 45 11.06 -52.00 -1.14
CA GLU C 45 12.01 -52.94 -1.74
C GLU C 45 13.02 -53.45 -0.70
N LEU C 46 13.17 -52.71 0.41
CA LEU C 46 14.11 -53.07 1.46
C LEU C 46 13.49 -53.63 2.78
N LYS C 47 12.23 -54.04 2.75
CA LYS C 47 11.58 -54.59 3.96
C LYS C 47 12.33 -55.78 4.53
N ASN C 48 12.17 -56.01 5.83
CA ASN C 48 12.79 -57.14 6.54
C ASN C 48 14.31 -57.20 6.60
N LEU C 49 14.98 -56.14 6.17
CA LEU C 49 16.42 -56.11 6.24
C LEU C 49 16.75 -55.36 7.49
N ASP C 50 17.85 -55.74 8.12
CA ASP C 50 18.28 -55.10 9.36
C ASP C 50 18.99 -53.79 8.97
N ILE C 51 18.21 -52.78 8.58
CA ILE C 51 18.81 -51.50 8.17
C ILE C 51 18.12 -50.25 8.70
N TRP C 52 18.85 -49.16 8.63
CA TRP C 52 18.39 -47.85 9.02
C TRP C 52 18.08 -47.09 7.75
N LEU C 53 17.17 -46.13 7.85
CA LEU C 53 16.84 -45.27 6.73
C LEU C 53 17.12 -43.84 7.19
N LYS C 54 17.76 -43.04 6.32
CA LYS C 54 18.05 -41.64 6.62
C LYS C 54 17.13 -40.71 5.82
N VAL C 55 16.37 -39.89 6.53
CA VAL C 55 15.46 -38.92 5.94
C VAL C 55 16.10 -37.56 6.07
N GLY C 56 16.31 -36.88 4.94
CA GLY C 56 16.96 -35.57 4.90
C GLY C 56 16.09 -34.34 4.95
N LEU C 57 16.74 -33.19 4.91
CA LEU C 57 16.08 -31.88 4.99
C LEU C 57 15.02 -31.59 3.94
N ARG C 58 15.33 -31.81 2.68
CA ARG C 58 14.37 -31.51 1.64
C ARG C 58 13.11 -32.36 1.76
N ALA C 59 13.27 -33.66 2.00
CA ALA C 59 12.13 -34.56 2.16
C ALA C 59 11.28 -34.16 3.35
N TYR C 60 11.91 -33.78 4.47
CA TYR C 60 11.10 -33.40 5.66
C TYR C 60 10.37 -32.07 5.43
N LEU C 61 11.05 -31.11 4.84
CA LEU C 61 10.42 -29.80 4.57
C LEU C 61 9.22 -29.92 3.66
N ARG C 62 9.31 -30.81 2.70
CA ARG C 62 8.26 -31.00 1.74
C ARG C 62 7.08 -31.82 2.23
N ASP C 63 7.36 -32.91 2.95
CA ASP C 63 6.31 -33.83 3.40
C ASP C 63 6.03 -33.93 4.89
N GLY C 64 6.94 -33.40 5.71
CA GLY C 64 6.77 -33.40 7.16
C GLY C 64 6.64 -34.71 7.90
N PHE C 65 6.10 -34.61 9.11
CA PHE C 65 5.93 -35.77 9.99
C PHE C 65 5.12 -36.94 9.39
N LYS C 66 4.15 -36.63 8.53
N LYS C 66 4.16 -36.63 8.52
CA LYS C 66 3.34 -37.69 7.91
CA LYS C 66 3.33 -37.65 7.88
C LYS C 66 4.19 -38.69 7.10
C LYS C 66 4.18 -38.67 7.11
N PHE C 67 5.27 -38.21 6.50
CA PHE C 67 6.15 -39.09 5.74
C PHE C 67 6.81 -40.10 6.67
N ILE C 68 7.13 -39.68 7.88
CA ILE C 68 7.75 -40.58 8.87
C ILE C 68 6.73 -41.67 9.24
N GLU C 69 5.46 -41.28 9.36
CA GLU C 69 4.40 -42.24 9.69
C GLU C 69 4.23 -43.27 8.55
N GLU C 70 4.28 -42.80 7.32
CA GLU C 70 4.14 -43.69 6.16
C GLU C 70 5.28 -44.71 6.05
N LEU C 71 6.49 -44.29 6.45
CA LEU C 71 7.63 -45.22 6.42
C LEU C 71 7.40 -46.34 7.43
N LYS C 72 6.87 -45.99 8.61
CA LYS C 72 6.59 -47.00 9.64
C LYS C 72 5.55 -48.00 9.17
N LYS C 73 4.64 -47.54 8.31
CA LYS C 73 3.63 -48.43 7.79
C LYS C 73 4.25 -49.46 6.85
N VAL C 74 5.43 -49.15 6.30
CA VAL C 74 6.13 -50.07 5.40
C VAL C 74 6.81 -51.20 6.19
N ASP C 75 7.59 -50.82 7.21
CA ASP C 75 8.30 -51.79 8.04
C ASP C 75 8.80 -51.07 9.28
N ASP C 76 9.31 -51.83 10.25
CA ASP C 76 9.82 -51.25 11.49
C ASP C 76 11.27 -50.77 11.32
N PHE C 77 11.51 -49.91 10.33
CA PHE C 77 12.86 -49.39 10.10
C PHE C 77 13.32 -48.45 11.20
N LYS C 78 14.62 -48.48 11.52
CA LYS C 78 15.16 -47.54 12.48
C LYS C 78 15.31 -46.30 11.59
N ILE C 79 14.94 -45.13 12.09
CA ILE C 79 15.00 -43.91 11.30
C ILE C 79 15.91 -42.81 11.84
N PHE C 80 16.81 -42.36 10.97
CA PHE C 80 17.72 -41.27 11.28
C PHE C 80 17.21 -40.05 10.55
N LEU C 81 16.65 -39.10 11.32
CA LEU C 81 16.11 -37.86 10.78
C LEU C 81 17.27 -36.85 10.80
N ASP C 82 17.85 -36.67 9.63
CA ASP C 82 19.03 -35.83 9.39
C ASP C 82 18.65 -34.39 9.03
N LEU C 83 18.48 -33.54 10.05
N LEU C 83 18.33 -33.64 10.07
CA LEU C 83 18.13 -32.12 9.81
CA LEU C 83 17.97 -32.24 9.96
C LEU C 83 19.23 -31.11 10.23
C LEU C 83 19.02 -31.65 10.92
N LYS C 84 20.26 -31.61 10.91
N LYS C 84 20.10 -31.16 10.35
CA LYS C 84 21.38 -30.75 11.31
CA LYS C 84 21.23 -30.61 11.11
C LYS C 84 20.98 -29.41 11.92
C LYS C 84 20.85 -29.33 11.83
N PHE C 85 20.23 -29.44 13.01
CA PHE C 85 19.78 -28.24 13.70
C PHE C 85 20.94 -27.36 14.14
N HIS C 86 20.76 -26.06 14.00
CA HIS C 86 21.80 -25.09 14.38
C HIS C 86 21.12 -23.77 14.61
N ASP C 87 20.80 -23.51 15.87
CA ASP C 87 20.09 -22.28 16.24
C ASP C 87 20.46 -21.99 17.70
N ILE C 88 19.78 -21.04 18.33
CA ILE C 88 20.05 -20.72 19.73
C ILE C 88 19.71 -21.95 20.60
N PRO C 89 20.32 -22.05 21.79
CA PRO C 89 20.06 -23.25 22.60
C PRO C 89 18.59 -23.60 22.87
N ASN C 90 17.76 -22.66 23.31
N ASN C 90 17.79 -22.62 23.31
CA ASN C 90 16.35 -23.00 23.60
CA ASN C 90 16.36 -22.85 23.59
C ASN C 90 15.64 -23.52 22.34
C ASN C 90 15.60 -23.41 22.38
N THR C 91 15.90 -22.88 21.20
CA THR C 91 15.27 -23.31 19.95
C THR C 91 15.70 -24.72 19.53
N MET C 92 16.98 -25.05 19.73
CA MET C 92 17.44 -26.38 19.40
C MET C 92 16.81 -27.39 20.32
N ALA C 93 16.64 -27.02 21.59
CA ALA C 93 16.00 -27.90 22.55
C ALA C 93 14.57 -28.19 22.12
N ASP C 94 13.84 -27.12 21.78
CA ASP C 94 12.44 -27.24 21.33
C ASP C 94 12.36 -28.10 20.06
N ALA C 95 13.29 -27.88 19.12
CA ALA C 95 13.31 -28.62 17.85
C ALA C 95 13.56 -30.12 18.07
N CYS C 96 14.59 -30.43 18.84
CA CYS C 96 14.89 -31.82 19.14
C CYS C 96 13.71 -32.51 19.84
N GLU C 97 13.04 -31.78 20.73
CA GLU C 97 11.88 -32.31 21.43
C GLU C 97 10.78 -32.60 20.43
N GLU C 98 10.54 -31.66 19.51
CA GLU C 98 9.45 -31.82 18.55
C GLU C 98 9.60 -33.06 17.67
N VAL C 99 10.81 -33.33 17.17
CA VAL C 99 11.03 -34.50 16.31
C VAL C 99 11.14 -35.78 17.15
N SER C 100 11.55 -35.68 18.41
CA SER C 100 11.64 -36.86 19.26
C SER C 100 10.25 -37.43 19.53
N LYS C 101 9.23 -36.58 19.50
CA LYS C 101 7.85 -37.01 19.69
C LYS C 101 7.39 -37.92 18.55
N LEU C 102 8.09 -37.87 17.42
CA LEU C 102 7.74 -38.70 16.26
C LEU C 102 8.24 -40.14 16.42
N GLY C 103 9.13 -40.36 17.38
CA GLY C 103 9.65 -41.70 17.62
C GLY C 103 10.77 -42.10 16.67
N VAL C 104 11.51 -41.11 16.17
CA VAL C 104 12.65 -41.41 15.29
C VAL C 104 13.74 -41.96 16.22
N ASP C 105 14.72 -42.63 15.64
CA ASP C 105 15.76 -43.30 16.41
C ASP C 105 17.11 -42.60 16.51
N MET C 106 17.33 -41.62 15.66
CA MET C 106 18.56 -40.85 15.67
C MET C 106 18.32 -39.51 15.04
N ILE C 107 18.96 -38.48 15.60
CA ILE C 107 18.87 -37.13 15.07
C ILE C 107 20.28 -36.52 15.15
N ASN C 108 20.52 -35.41 14.46
CA ASN C 108 21.84 -34.79 14.52
C ASN C 108 21.75 -33.28 14.63
N ILE C 109 22.76 -32.69 15.26
CA ILE C 109 22.83 -31.24 15.45
C ILE C 109 24.24 -30.78 15.13
N HIS C 110 24.41 -29.49 14.85
CA HIS C 110 25.75 -28.96 14.59
C HIS C 110 26.51 -28.74 15.88
N ALA C 111 27.71 -29.30 15.96
CA ALA C 111 28.54 -29.10 17.14
C ALA C 111 28.88 -27.60 17.23
N SER C 112 28.85 -26.92 16.09
N SER C 112 28.91 -26.92 16.09
CA SER C 112 29.14 -25.48 15.99
CA SER C 112 29.23 -25.48 16.08
C SER C 112 28.15 -24.64 16.81
C SER C 112 28.17 -24.63 16.82
N ALA C 113 27.02 -25.23 17.16
CA ALA C 113 26.00 -24.54 17.94
C ALA C 113 26.55 -24.26 19.35
N GLY C 114 27.58 -24.99 19.75
CA GLY C 114 28.24 -24.76 21.04
C GLY C 114 27.80 -25.57 22.22
N LYS C 115 28.63 -25.48 23.25
CA LYS C 115 28.44 -26.20 24.50
C LYS C 115 27.08 -26.06 25.17
N ILE C 116 26.58 -24.82 25.26
CA ILE C 116 25.29 -24.57 25.91
C ILE C 116 24.14 -25.21 25.14
N ALA C 117 24.17 -25.11 23.81
CA ALA C 117 23.16 -25.72 22.97
C ALA C 117 23.12 -27.25 23.20
N ILE C 118 24.31 -27.88 23.18
CA ILE C 118 24.43 -29.32 23.40
C ILE C 118 23.83 -29.69 24.78
N GLN C 119 24.16 -28.91 25.81
CA GLN C 119 23.65 -29.17 27.17
C GLN C 119 22.12 -29.09 27.23
N GLU C 120 21.56 -28.03 26.66
CA GLU C 120 20.11 -27.85 26.68
C GLU C 120 19.38 -28.93 25.88
N VAL C 121 19.95 -29.34 24.76
CA VAL C 121 19.31 -30.41 23.98
C VAL C 121 19.29 -31.72 24.79
N MET C 122 20.41 -32.06 25.43
CA MET C 122 20.44 -33.32 26.18
C MET C 122 19.57 -33.27 27.44
N THR C 123 19.51 -32.10 28.08
CA THR C 123 18.67 -31.97 29.27
C THR C 123 17.18 -32.11 28.87
N ARG C 124 16.82 -31.57 27.71
CA ARG C 124 15.42 -31.67 27.24
C ARG C 124 15.07 -33.12 26.88
N LEU C 125 15.95 -33.79 26.15
CA LEU C 125 15.70 -35.18 25.72
C LEU C 125 15.69 -36.16 26.90
N SER C 126 16.32 -35.77 28.00
N SER C 126 16.33 -35.80 28.01
CA SER C 126 16.35 -36.60 29.20
CA SER C 126 16.34 -36.68 29.17
C SER C 126 14.94 -36.74 29.79
C SER C 126 14.92 -36.79 29.76
N LYS C 127 14.02 -35.92 29.32
CA LYS C 127 12.64 -35.94 29.80
C LYS C 127 11.79 -37.03 29.12
N PHE C 128 12.30 -37.59 28.04
CA PHE C 128 11.60 -38.66 27.32
C PHE C 128 11.88 -40.03 27.93
N SER C 129 10.91 -40.94 27.85
CA SER C 129 11.09 -42.30 28.35
C SER C 129 12.11 -42.97 27.42
N LYS C 130 11.98 -42.69 26.12
N LYS C 130 11.98 -42.69 26.12
CA LYS C 130 12.87 -43.22 25.11
CA LYS C 130 12.88 -43.23 25.11
C LYS C 130 13.22 -42.07 24.17
C LYS C 130 13.23 -42.10 24.15
N ARG C 131 14.49 -41.69 24.16
CA ARG C 131 14.93 -40.61 23.30
C ARG C 131 15.75 -41.18 22.17
N PRO C 132 15.83 -40.45 21.06
CA PRO C 132 16.66 -40.92 19.98
C PRO C 132 18.12 -40.66 20.31
N LEU C 133 19.01 -41.31 19.58
CA LEU C 133 20.44 -41.07 19.70
C LEU C 133 20.66 -39.68 19.12
N VAL C 134 21.62 -38.93 19.66
CA VAL C 134 21.92 -37.59 19.16
C VAL C 134 23.40 -37.52 18.78
N LEU C 135 23.67 -37.26 17.51
CA LEU C 135 25.03 -37.15 17.01
C LEU C 135 25.31 -35.75 16.58
N ALA C 136 26.56 -35.35 16.63
CA ALA C 136 26.92 -34.03 16.20
C ALA C 136 27.60 -34.00 14.85
N VAL C 137 27.29 -32.97 14.07
CA VAL C 137 27.95 -32.76 12.79
C VAL C 137 29.16 -31.89 13.16
N SER C 138 30.34 -32.23 12.65
CA SER C 138 31.55 -31.44 12.93
C SER C 138 31.86 -30.61 11.70
N ALA C 139 32.53 -31.24 10.76
CA ALA C 139 32.87 -30.61 9.50
C ALA C 139 32.05 -31.29 8.41
N LEU C 140 31.22 -30.53 7.74
CA LEU C 140 30.41 -31.08 6.65
C LEU C 140 31.34 -31.78 5.64
N THR C 141 30.93 -32.97 5.18
CA THR C 141 31.70 -33.79 4.26
C THR C 141 32.04 -33.09 2.96
N SER C 142 31.23 -32.09 2.60
CA SER C 142 31.40 -31.34 1.38
C SER C 142 32.54 -30.32 1.36
N PHE C 143 33.03 -29.95 2.53
CA PHE C 143 34.11 -28.98 2.59
C PHE C 143 35.50 -29.43 2.14
N ASP C 144 36.21 -28.51 1.53
CA ASP C 144 37.60 -28.77 1.16
C ASP C 144 38.32 -27.89 2.23
N GLU C 145 39.61 -28.11 2.43
CA GLU C 145 40.37 -27.37 3.44
C GLU C 145 40.32 -25.83 3.36
N GLU C 146 40.53 -25.25 2.18
CA GLU C 146 40.53 -23.80 2.04
C GLU C 146 39.26 -23.10 2.53
N ASN C 147 38.12 -23.54 2.01
CA ASN C 147 36.84 -22.96 2.39
C ASN C 147 36.47 -23.20 3.85
N PHE C 148 36.89 -24.33 4.38
CA PHE C 148 36.61 -24.65 5.77
C PHE C 148 37.45 -23.75 6.65
N PHE C 149 38.72 -23.61 6.32
CA PHE C 149 39.61 -22.79 7.12
C PHE C 149 39.11 -21.33 7.18
N SER C 150 38.54 -20.84 6.08
CA SER C 150 38.03 -19.46 6.03
C SER C 150 36.94 -19.20 7.09
N ILE C 151 36.17 -20.23 7.39
CA ILE C 151 35.11 -20.10 8.37
C ILE C 151 35.56 -20.36 9.81
N TYR C 152 36.30 -21.45 10.00
CA TYR C 152 36.73 -21.87 11.34
C TYR C 152 38.15 -21.57 11.80
N ARG C 153 39.02 -21.14 10.88
CA ARG C 153 40.44 -20.84 11.25
C ARG C 153 41.12 -22.04 11.90
N GLN C 154 40.70 -23.25 11.50
CA GLN C 154 41.25 -24.51 12.00
C GLN C 154 41.22 -25.49 10.83
N LYS C 155 42.19 -26.38 10.73
CA LYS C 155 42.14 -27.36 9.64
C LYS C 155 40.99 -28.33 9.94
N ILE C 156 40.48 -28.97 8.91
CA ILE C 156 39.36 -29.89 9.11
C ILE C 156 39.60 -30.92 10.23
N GLU C 157 40.72 -31.66 10.16
CA GLU C 157 41.01 -32.68 11.21
C GLU C 157 41.04 -32.09 12.60
N GLU C 158 41.62 -30.90 12.73
CA GLU C 158 41.73 -30.22 14.03
C GLU C 158 40.37 -29.85 14.61
N ALA C 159 39.51 -29.28 13.78
CA ALA C 159 38.18 -28.89 14.22
C ALA C 159 37.36 -30.14 14.55
N VAL C 160 37.52 -31.20 13.76
CA VAL C 160 36.77 -32.45 14.03
C VAL C 160 37.10 -33.00 15.43
N ILE C 161 38.38 -33.01 15.80
CA ILE C 161 38.77 -33.50 17.14
C ILE C 161 38.27 -32.53 18.22
N ASN C 162 38.46 -31.23 17.99
CA ASN C 162 38.01 -30.19 18.93
C ASN C 162 36.48 -30.32 19.19
N PHE C 163 35.70 -30.37 18.12
CA PHE C 163 34.22 -30.46 18.17
C PHE C 163 33.76 -31.78 18.80
N SER C 164 34.52 -32.86 18.57
CA SER C 164 34.20 -34.18 19.16
C SER C 164 34.36 -34.17 20.67
N LYS C 165 35.45 -33.58 21.16
CA LYS C 165 35.69 -33.49 22.60
C LYS C 165 34.57 -32.68 23.25
N ILE C 166 34.20 -31.57 22.61
CA ILE C 166 33.12 -30.73 23.13
C ILE C 166 31.81 -31.54 23.15
N SER C 167 31.54 -32.23 22.05
CA SER C 167 30.33 -33.04 21.96
C SER C 167 30.32 -34.16 23.00
N TYR C 168 31.43 -34.87 23.13
CA TYR C 168 31.53 -35.98 24.09
C TYR C 168 31.41 -35.54 25.53
N GLU C 169 32.13 -34.48 25.89
CA GLU C 169 32.13 -33.98 27.26
C GLU C 169 30.79 -33.41 27.69
N ASN C 170 30.01 -32.96 26.72
CA ASN C 170 28.72 -32.39 27.00
C ASN C 170 27.48 -33.28 26.80
N GLY C 171 27.69 -34.60 26.65
CA GLY C 171 26.57 -35.54 26.58
C GLY C 171 26.04 -36.15 25.30
N LEU C 172 26.60 -35.78 24.15
CA LEU C 172 26.12 -36.35 22.91
C LEU C 172 26.57 -37.80 22.79
N ASP C 173 25.87 -38.55 21.95
CA ASP C 173 26.14 -39.97 21.75
C ASP C 173 27.25 -40.31 20.75
N GLY C 174 27.55 -39.37 19.86
CA GLY C 174 28.56 -39.60 18.84
C GLY C 174 28.68 -38.45 17.85
N MET C 175 29.43 -38.70 16.78
CA MET C 175 29.68 -37.72 15.73
C MET C 175 29.50 -38.28 14.34
N VAL C 176 29.14 -37.39 13.41
CA VAL C 176 29.03 -37.72 12.01
C VAL C 176 30.44 -37.31 11.52
N CYS C 177 31.15 -38.20 10.85
CA CYS C 177 32.51 -37.87 10.41
C CYS C 177 32.94 -38.69 9.22
N SER C 178 34.12 -38.38 8.66
CA SER C 178 34.60 -39.18 7.53
C SER C 178 35.23 -40.41 8.14
N VAL C 179 35.33 -41.46 7.35
CA VAL C 179 35.91 -42.70 7.83
C VAL C 179 37.35 -42.50 8.32
N PHE C 180 38.03 -41.51 7.76
CA PHE C 180 39.41 -41.23 8.08
C PHE C 180 39.65 -40.63 9.48
N GLU C 181 38.59 -40.10 10.10
N GLU C 181 38.61 -40.05 10.10
CA GLU C 181 38.70 -39.48 11.42
CA GLU C 181 38.74 -39.48 11.45
C GLU C 181 38.07 -40.33 12.53
C GLU C 181 38.08 -40.33 12.54
N SER C 182 37.34 -41.38 12.13
CA SER C 182 36.66 -42.25 13.09
C SER C 182 37.54 -42.79 14.26
N LYS C 183 38.64 -43.49 13.97
CA LYS C 183 39.49 -43.99 15.08
C LYS C 183 40.02 -42.90 15.96
N LYS C 184 40.55 -41.84 15.34
CA LYS C 184 41.12 -40.70 16.10
C LYS C 184 40.09 -40.08 17.03
N ILE C 185 38.87 -39.94 16.55
CA ILE C 185 37.80 -39.38 17.37
C ILE C 185 37.60 -40.23 18.62
N LYS C 186 37.52 -41.53 18.44
CA LYS C 186 37.32 -42.45 19.54
C LYS C 186 38.52 -42.43 20.50
N GLU C 187 39.71 -42.32 19.93
CA GLU C 187 40.95 -42.27 20.72
C GLU C 187 40.98 -41.02 21.63
N HIS C 188 40.35 -39.93 21.18
CA HIS C 188 40.32 -38.67 21.96
C HIS C 188 39.10 -38.52 22.84
N THR C 189 38.15 -39.44 22.72
CA THR C 189 36.93 -39.42 23.49
C THR C 189 36.75 -40.75 24.18
N SER C 190 36.09 -41.66 23.50
CA SER C 190 35.85 -42.99 24.02
C SER C 190 35.44 -43.94 22.92
N SER C 191 35.82 -45.21 23.06
CA SER C 191 35.43 -46.21 22.09
C SER C 191 33.90 -46.26 22.04
N ASN C 192 33.27 -45.91 23.16
CA ASN C 192 31.80 -45.90 23.28
C ASN C 192 31.13 -44.71 22.60
N PHE C 193 31.93 -43.73 22.16
CA PHE C 193 31.41 -42.55 21.48
C PHE C 193 31.22 -42.98 20.03
N LEU C 194 29.98 -42.96 19.58
CA LEU C 194 29.65 -43.42 18.24
C LEU C 194 30.16 -42.57 17.05
N THR C 195 30.45 -43.27 15.96
CA THR C 195 30.86 -42.60 14.73
C THR C 195 29.98 -43.07 13.60
N LEU C 196 29.44 -42.12 12.85
CA LEU C 196 28.59 -42.40 11.70
C LEU C 196 29.31 -41.75 10.51
N THR C 197 29.59 -42.55 9.49
CA THR C 197 30.30 -42.09 8.31
C THR C 197 29.45 -42.17 7.04
N PRO C 198 29.12 -41.01 6.47
CA PRO C 198 28.30 -40.99 5.29
C PRO C 198 29.08 -41.03 4.00
N GLY C 199 28.36 -41.21 2.90
CA GLY C 199 28.93 -41.26 1.56
C GLY C 199 29.82 -42.45 1.24
N ILE C 200 29.60 -43.56 1.90
CA ILE C 200 30.40 -44.74 1.65
C ILE C 200 30.08 -45.37 0.28
N ARG C 201 31.13 -45.69 -0.48
CA ARG C 201 31.02 -46.37 -1.76
C ARG C 201 31.52 -47.77 -1.38
N PRO C 202 30.60 -48.63 -0.92
CA PRO C 202 30.92 -49.95 -0.40
C PRO C 202 31.93 -50.78 -1.16
N PHE C 203 31.84 -50.81 -2.49
CA PHE C 203 32.75 -51.61 -3.27
C PHE C 203 33.65 -50.79 -4.19
N GLY C 204 33.92 -49.55 -3.79
CA GLY C 204 34.78 -48.66 -4.58
C GLY C 204 36.24 -49.00 -4.37
N ALA C 214 36.56 -44.02 0.33
CA ALA C 214 35.85 -44.49 1.52
C ALA C 214 34.95 -45.67 1.18
N ASN C 215 35.50 -46.88 1.28
CA ASN C 215 34.75 -48.09 0.98
C ASN C 215 34.41 -48.89 2.25
N LEU C 216 33.78 -50.04 2.07
CA LEU C 216 33.40 -50.87 3.21
C LEU C 216 34.60 -51.30 4.06
N ALA C 217 35.65 -51.81 3.41
CA ALA C 217 36.86 -52.26 4.10
C ALA C 217 37.48 -51.14 4.94
N MET C 218 37.40 -49.91 4.42
CA MET C 218 37.96 -48.76 5.13
C MET C 218 37.11 -48.46 6.35
N ALA C 219 35.79 -48.54 6.20
CA ALA C 219 34.90 -48.29 7.31
C ALA C 219 35.13 -49.33 8.41
N ARG C 220 35.36 -50.59 8.01
CA ARG C 220 35.58 -51.65 9.01
C ARG C 220 36.86 -51.35 9.79
N GLU C 221 37.96 -51.12 9.08
CA GLU C 221 39.24 -50.84 9.73
C GLU C 221 39.20 -49.62 10.65
N ASN C 222 38.45 -48.60 10.26
CA ASN C 222 38.33 -47.36 11.05
C ASN C 222 37.21 -47.36 12.13
N LEU C 223 36.65 -48.54 12.35
CA LEU C 223 35.65 -48.79 13.36
C LEU C 223 34.39 -47.93 13.30
N SER C 224 33.88 -47.67 12.11
CA SER C 224 32.66 -46.91 11.98
C SER C 224 31.52 -47.72 12.60
N ASP C 225 30.70 -47.06 13.40
CA ASP C 225 29.55 -47.72 14.02
C ASP C 225 28.38 -47.76 13.06
N TYR C 226 28.27 -46.73 12.23
CA TYR C 226 27.21 -46.62 11.25
C TYR C 226 27.79 -46.11 9.94
N ILE C 227 27.33 -46.67 8.83
CA ILE C 227 27.76 -46.20 7.53
C ILE C 227 26.51 -45.81 6.78
N VAL C 228 26.54 -44.69 6.06
CA VAL C 228 25.39 -44.30 5.28
C VAL C 228 25.81 -44.44 3.82
N VAL C 229 24.97 -45.11 3.05
CA VAL C 229 25.21 -45.33 1.61
C VAL C 229 24.03 -44.72 0.86
N GLY C 230 24.36 -43.94 -0.18
CA GLY C 230 23.36 -43.26 -1.00
C GLY C 230 23.15 -43.86 -2.38
N ARG C 231 23.64 -43.17 -3.40
CA ARG C 231 23.47 -43.61 -4.81
C ARG C 231 23.81 -45.07 -5.09
N PRO C 232 24.91 -45.58 -4.53
CA PRO C 232 25.24 -46.99 -4.78
C PRO C 232 24.04 -47.91 -4.51
N ILE C 233 23.16 -47.48 -3.62
CA ILE C 233 21.97 -48.26 -3.34
C ILE C 233 20.73 -47.75 -4.06
N TYR C 234 20.37 -46.49 -3.84
CA TYR C 234 19.12 -45.96 -4.44
C TYR C 234 19.05 -45.80 -5.96
N LYS C 235 20.20 -45.72 -6.63
N LYS C 235 20.20 -45.72 -6.63
CA LYS C 235 20.23 -45.59 -8.09
CA LYS C 235 20.23 -45.59 -8.09
C LYS C 235 20.55 -46.91 -8.80
C LYS C 235 20.57 -46.90 -8.80
N ASN C 236 20.77 -47.97 -8.03
CA ASN C 236 21.08 -49.28 -8.58
C ASN C 236 19.76 -49.89 -9.06
N GLU C 237 19.81 -50.68 -10.13
N GLU C 237 19.77 -50.66 -10.14
CA GLU C 237 18.59 -51.32 -10.65
CA GLU C 237 18.50 -51.25 -10.62
C GLU C 237 17.96 -52.30 -9.67
C GLU C 237 17.94 -52.30 -9.65
N ASN C 238 18.75 -52.79 -8.72
CA ASN C 238 18.27 -53.75 -7.72
C ASN C 238 18.84 -53.33 -6.33
N PRO C 239 18.25 -52.28 -5.73
CA PRO C 239 18.69 -51.77 -4.43
C PRO C 239 18.80 -52.83 -3.36
N ARG C 240 17.84 -53.75 -3.30
CA ARG C 240 17.87 -54.77 -2.29
C ARG C 240 19.11 -55.67 -2.41
N ALA C 241 19.49 -56.01 -3.64
CA ALA C 241 20.67 -56.87 -3.86
C ALA C 241 21.92 -56.21 -3.29
N VAL C 242 22.08 -54.92 -3.53
CA VAL C 242 23.23 -54.18 -3.03
C VAL C 242 23.24 -54.21 -1.50
N CYS C 243 22.08 -53.96 -0.87
CA CYS C 243 22.01 -53.99 0.60
C CYS C 243 22.39 -55.34 1.17
N GLU C 244 21.89 -56.42 0.56
CA GLU C 244 22.19 -57.77 1.03
C GLU C 244 23.69 -58.07 0.89
N LYS C 245 24.29 -57.63 -0.21
CA LYS C 245 25.72 -57.83 -0.46
C LYS C 245 26.53 -57.13 0.65
N ILE C 246 26.13 -55.90 0.98
CA ILE C 246 26.79 -55.13 2.02
C ILE C 246 26.63 -55.82 3.39
N LEU C 247 25.40 -56.21 3.72
CA LEU C 247 25.11 -56.88 4.98
C LEU C 247 25.87 -58.20 5.11
N ASN C 248 25.99 -58.94 4.01
CA ASN C 248 26.73 -60.22 4.01
C ASN C 248 28.20 -59.98 4.37
N LYS C 249 28.82 -58.97 3.75
CA LYS C 249 30.21 -58.63 4.03
C LYS C 249 30.38 -58.25 5.50
N ILE C 250 29.47 -57.42 6.02
CA ILE C 250 29.53 -57.01 7.43
C ILE C 250 29.35 -58.21 8.35
N HIS C 251 28.34 -59.02 8.09
CA HIS C 251 28.05 -60.20 8.91
C HIS C 251 28.55 -61.47 8.24
N MET D 25 -25.19 47.38 -28.58
CA MET D 25 -24.72 46.20 -27.81
C MET D 25 -23.20 46.22 -27.65
N LYS D 26 -22.71 45.49 -26.65
CA LYS D 26 -21.28 45.41 -26.39
C LYS D 26 -20.65 44.10 -26.83
N LEU D 27 -19.38 44.20 -27.25
CA LEU D 27 -18.61 43.06 -27.71
C LEU D 27 -17.67 42.57 -26.62
N CYS D 28 -17.71 41.27 -26.35
CA CYS D 28 -16.86 40.64 -25.37
C CYS D 28 -16.10 39.53 -26.08
N VAL D 29 -14.79 39.49 -25.90
CA VAL D 29 -13.95 38.49 -26.53
C VAL D 29 -13.63 37.38 -25.52
N ALA D 30 -13.86 36.14 -25.92
CA ALA D 30 -13.57 35.00 -25.04
C ALA D 30 -12.07 34.72 -25.12
N LEU D 31 -11.35 34.94 -24.03
CA LEU D 31 -9.90 34.70 -24.01
C LEU D 31 -9.66 33.25 -23.77
N ASP D 32 -9.94 32.44 -24.79
CA ASP D 32 -9.79 31.00 -24.65
C ASP D 32 -8.59 30.37 -25.36
N LEU D 33 -7.51 31.11 -25.55
CA LEU D 33 -6.32 30.52 -26.15
C LEU D 33 -5.79 29.57 -25.07
N SER D 34 -5.09 28.52 -25.48
CA SER D 34 -4.60 27.48 -24.53
C SER D 34 -3.67 27.89 -23.39
N THR D 35 -2.82 28.90 -23.59
CA THR D 35 -1.89 29.32 -22.52
C THR D 35 -2.05 30.78 -22.12
N LYS D 36 -1.57 31.08 -20.92
CA LYS D 36 -1.61 32.41 -20.33
C LYS D 36 -0.86 33.42 -21.21
N GLU D 37 0.27 32.98 -21.72
CA GLU D 37 1.11 33.81 -22.57
C GLU D 37 0.38 34.25 -23.85
N GLU D 38 -0.38 33.33 -24.44
CA GLU D 38 -1.13 33.62 -25.65
C GLU D 38 -2.27 34.59 -25.36
N CYS D 39 -2.97 34.39 -24.24
CA CYS D 39 -4.07 35.26 -23.88
C CYS D 39 -3.63 36.69 -23.61
N LEU D 40 -2.48 36.85 -22.94
CA LEU D 40 -1.95 38.20 -22.66
C LEU D 40 -1.53 38.90 -23.96
N GLN D 41 -0.88 38.13 -24.85
CA GLN D 41 -0.44 38.64 -26.15
C GLN D 41 -1.66 39.11 -26.94
N LEU D 42 -2.76 38.33 -26.88
CA LEU D 42 -3.99 38.69 -27.58
C LEU D 42 -4.57 39.95 -26.96
N ALA D 43 -4.55 40.02 -25.63
CA ALA D 43 -5.06 41.19 -24.92
C ALA D 43 -4.28 42.44 -25.40
N LYS D 44 -2.98 42.29 -25.57
CA LYS D 44 -2.13 43.40 -26.02
C LYS D 44 -2.46 43.82 -27.46
N GLU D 45 -2.91 42.86 -28.27
CA GLU D 45 -3.25 43.16 -29.65
C GLU D 45 -4.60 43.88 -29.76
N LEU D 46 -5.42 43.79 -28.71
CA LEU D 46 -6.74 44.43 -28.70
C LEU D 46 -6.79 45.72 -27.85
N LYS D 47 -5.63 46.28 -27.49
CA LYS D 47 -5.58 47.51 -26.68
C LYS D 47 -6.38 48.68 -27.26
N ASN D 48 -6.97 49.48 -26.37
CA ASN D 48 -7.76 50.69 -26.74
C ASN D 48 -9.08 50.46 -27.47
N LEU D 49 -9.49 49.21 -27.63
CA LEU D 49 -10.76 48.92 -28.29
C LEU D 49 -11.82 48.90 -27.20
N ASP D 50 -13.00 49.41 -27.49
CA ASP D 50 -14.09 49.41 -26.50
C ASP D 50 -14.73 48.03 -26.47
N ILE D 51 -14.06 47.11 -25.79
CA ILE D 51 -14.56 45.75 -25.69
C ILE D 51 -14.35 45.17 -24.30
N TRP D 52 -15.02 44.07 -24.06
CA TRP D 52 -14.93 43.33 -22.83
C TRP D 52 -14.13 42.09 -23.12
N LEU D 53 -13.56 41.52 -22.08
CA LEU D 53 -12.81 40.28 -22.18
C LEU D 53 -13.44 39.32 -21.21
N LYS D 54 -13.61 38.07 -21.62
CA LYS D 54 -14.20 37.04 -20.75
C LYS D 54 -13.12 36.03 -20.39
N VAL D 55 -12.94 35.81 -19.09
CA VAL D 55 -11.95 34.85 -18.58
C VAL D 55 -12.73 33.70 -17.97
N GLY D 56 -12.48 32.48 -18.45
CA GLY D 56 -13.19 31.27 -18.00
C GLY D 56 -12.56 30.48 -16.88
N LEU D 57 -13.21 29.34 -16.59
CA LEU D 57 -12.82 28.44 -15.52
C LEU D 57 -11.39 27.88 -15.57
N ARG D 58 -11.02 27.26 -16.69
CA ARG D 58 -9.69 26.69 -16.82
C ARG D 58 -8.61 27.73 -16.55
N ALA D 59 -8.76 28.91 -17.17
CA ALA D 59 -7.78 30.00 -17.02
C ALA D 59 -7.64 30.44 -15.57
N TYR D 60 -8.76 30.62 -14.90
CA TYR D 60 -8.69 31.06 -13.52
C TYR D 60 -8.12 29.97 -12.59
N LEU D 61 -8.51 28.71 -12.80
CA LEU D 61 -7.99 27.65 -11.94
C LEU D 61 -6.47 27.55 -12.03
N ARG D 62 -5.94 27.74 -13.23
CA ARG D 62 -4.51 27.65 -13.46
C ARG D 62 -3.68 28.85 -13.03
N ASP D 63 -4.17 30.06 -13.28
CA ASP D 63 -3.38 31.26 -12.97
C ASP D 63 -3.89 32.17 -11.85
N GLY D 64 -5.13 31.96 -11.42
CA GLY D 64 -5.65 32.75 -10.32
C GLY D 64 -5.81 34.25 -10.51
N PHE D 65 -5.99 34.95 -9.39
CA PHE D 65 -6.20 36.39 -9.41
C PHE D 65 -5.08 37.15 -10.05
N LYS D 66 -3.85 36.64 -9.98
CA LYS D 66 -2.73 37.38 -10.58
C LYS D 66 -2.92 37.57 -12.09
N PHE D 67 -3.60 36.63 -12.77
CA PHE D 67 -3.84 36.76 -14.19
C PHE D 67 -4.77 37.96 -14.48
N ILE D 68 -5.75 38.15 -13.59
CA ILE D 68 -6.70 39.26 -13.71
C ILE D 68 -5.97 40.61 -13.56
N GLU D 69 -5.04 40.68 -12.62
CA GLU D 69 -4.26 41.92 -12.40
C GLU D 69 -3.43 42.25 -13.64
N GLU D 70 -2.75 41.25 -14.19
CA GLU D 70 -1.93 41.42 -15.40
C GLU D 70 -2.77 41.96 -16.57
N LEU D 71 -3.99 41.43 -16.74
CA LEU D 71 -4.87 41.90 -17.83
C LEU D 71 -5.24 43.37 -17.63
N LYS D 72 -5.59 43.73 -16.39
CA LYS D 72 -5.96 45.10 -16.05
C LYS D 72 -4.80 46.06 -16.33
N LYS D 73 -3.56 45.57 -16.21
CA LYS D 73 -2.40 46.39 -16.50
C LYS D 73 -2.19 46.56 -18.01
N VAL D 74 -2.70 45.63 -18.82
CA VAL D 74 -2.55 45.74 -20.28
C VAL D 74 -3.39 46.92 -20.78
N ASP D 75 -4.60 47.04 -20.26
CA ASP D 75 -5.50 48.12 -20.65
C ASP D 75 -6.74 48.06 -19.74
N ASP D 76 -7.50 49.14 -19.75
CA ASP D 76 -8.73 49.24 -18.94
C ASP D 76 -9.90 48.41 -19.45
N PHE D 77 -9.64 47.17 -19.90
CA PHE D 77 -10.72 46.34 -20.39
C PHE D 77 -11.72 46.00 -19.30
N LYS D 78 -12.99 46.01 -19.66
CA LYS D 78 -14.02 45.60 -18.74
C LYS D 78 -13.92 44.09 -18.77
N ILE D 79 -13.85 43.47 -17.59
CA ILE D 79 -13.67 42.03 -17.49
C ILE D 79 -14.84 41.24 -16.93
N PHE D 80 -15.23 40.22 -17.67
CA PHE D 80 -16.29 39.30 -17.29
C PHE D 80 -15.60 38.04 -16.82
N LEU D 81 -15.65 37.78 -15.51
CA LEU D 81 -15.03 36.60 -14.94
C LEU D 81 -16.15 35.56 -14.92
N ASP D 82 -16.05 34.63 -15.86
CA ASP D 82 -17.03 33.58 -16.10
C ASP D 82 -16.73 32.28 -15.36
N LEU D 83 -17.14 32.17 -14.09
N LEU D 83 -17.05 32.27 -14.08
CA LEU D 83 -16.91 30.93 -13.29
CA LEU D 83 -16.87 31.14 -13.22
C LEU D 83 -18.17 30.09 -12.96
C LEU D 83 -18.31 30.94 -12.77
N LYS D 84 -19.34 30.63 -13.26
N LYS D 84 -18.98 29.95 -13.34
CA LYS D 84 -20.60 29.92 -13.04
CA LYS D 84 -20.39 29.69 -13.03
C LYS D 84 -20.73 29.20 -11.68
C LYS D 84 -20.57 29.10 -11.64
N PHE D 85 -20.59 29.97 -10.62
CA PHE D 85 -20.70 29.47 -9.25
C PHE D 85 -22.04 28.76 -8.99
N HIS D 86 -21.95 27.60 -8.34
CA HIS D 86 -23.13 26.82 -8.03
C HIS D 86 -22.84 25.98 -6.77
N ASP D 87 -23.21 26.52 -5.61
CA ASP D 87 -22.94 25.87 -4.35
C ASP D 87 -24.00 26.38 -3.36
N ILE D 88 -23.84 26.06 -2.08
CA ILE D 88 -24.81 26.53 -1.08
C ILE D 88 -24.77 28.07 -1.03
N PRO D 89 -25.86 28.70 -0.57
CA PRO D 89 -25.90 30.17 -0.55
C PRO D 89 -24.72 30.91 0.09
N ASN D 90 -24.35 30.56 1.31
N ASN D 90 -24.36 30.52 1.31
CA ASN D 90 -23.24 31.25 1.97
CA ASN D 90 -23.24 31.15 2.03
C ASN D 90 -21.93 31.13 1.19
C ASN D 90 -21.93 31.09 1.25
N THR D 91 -21.69 29.94 0.62
CA THR D 91 -20.48 29.70 -0.16
C THR D 91 -20.48 30.53 -1.45
N MET D 92 -21.62 30.62 -2.10
CA MET D 92 -21.70 31.45 -3.30
C MET D 92 -21.50 32.94 -2.94
N ALA D 93 -22.03 33.35 -1.79
CA ALA D 93 -21.85 34.75 -1.34
C ALA D 93 -20.35 35.03 -1.12
N ASP D 94 -19.67 34.11 -0.42
CA ASP D 94 -18.25 34.25 -0.14
C ASP D 94 -17.45 34.27 -1.45
N ALA D 95 -17.84 33.42 -2.40
CA ALA D 95 -17.15 33.32 -3.68
C ALA D 95 -17.27 34.62 -4.48
N CYS D 96 -18.49 35.15 -4.57
CA CYS D 96 -18.73 36.36 -5.30
C CYS D 96 -17.98 37.54 -4.65
N GLU D 97 -17.92 37.55 -3.32
CA GLU D 97 -17.22 38.58 -2.61
C GLU D 97 -15.74 38.52 -2.96
N GLU D 98 -15.19 37.31 -2.96
CA GLU D 98 -13.77 37.13 -3.21
C GLU D 98 -13.33 37.64 -4.59
N VAL D 99 -14.11 37.33 -5.64
CA VAL D 99 -13.73 37.79 -6.98
C VAL D 99 -14.07 39.26 -7.19
N SER D 100 -15.07 39.78 -6.48
CA SER D 100 -15.44 41.21 -6.61
C SER D 100 -14.31 42.08 -6.07
N LYS D 101 -13.53 41.54 -5.14
CA LYS D 101 -12.40 42.27 -4.58
C LYS D 101 -11.35 42.50 -5.63
N LEU D 102 -11.40 41.74 -6.73
CA LEU D 102 -10.42 41.88 -7.80
C LEU D 102 -10.77 43.02 -8.76
N GLY D 103 -11.95 43.60 -8.61
CA GLY D 103 -12.37 44.69 -9.46
C GLY D 103 -12.90 44.29 -10.82
N VAL D 104 -13.33 43.03 -10.96
CA VAL D 104 -13.89 42.54 -12.24
C VAL D 104 -15.20 43.29 -12.41
N ASP D 105 -15.66 43.46 -13.64
N ASP D 105 -15.64 43.41 -13.65
CA ASP D 105 -16.90 44.21 -13.87
CA ASP D 105 -16.83 44.17 -13.98
C ASP D 105 -18.14 43.36 -14.05
C ASP D 105 -18.11 43.37 -14.14
N MET D 106 -17.98 42.05 -14.27
CA MET D 106 -19.14 41.17 -14.43
C MET D 106 -18.79 39.77 -13.98
N ILE D 107 -19.76 39.11 -13.35
CA ILE D 107 -19.59 37.73 -12.89
C ILE D 107 -20.91 36.99 -13.14
N ASN D 108 -20.89 35.67 -13.12
CA ASN D 108 -22.11 34.90 -13.30
C ASN D 108 -22.26 33.73 -12.32
N ILE D 109 -23.52 33.37 -12.07
CA ILE D 109 -23.84 32.29 -11.17
C ILE D 109 -24.94 31.45 -11.82
N HIS D 110 -25.13 30.23 -11.35
CA HIS D 110 -26.19 29.40 -11.87
C HIS D 110 -27.53 29.76 -11.26
N ALA D 111 -28.52 30.02 -12.09
CA ALA D 111 -29.84 30.34 -11.57
C ALA D 111 -30.38 29.11 -10.82
N SER D 112 -29.92 27.93 -11.23
CA SER D 112 -30.34 26.69 -10.60
C SER D 112 -29.92 26.60 -9.13
N ALA D 113 -29.02 27.50 -8.68
CA ALA D 113 -28.60 27.56 -7.26
C ALA D 113 -29.81 27.98 -6.37
N GLY D 114 -30.83 28.54 -6.99
CA GLY D 114 -32.06 28.91 -6.28
C GLY D 114 -32.18 30.34 -5.77
N LYS D 115 -33.39 30.68 -5.35
CA LYS D 115 -33.67 32.05 -4.88
C LYS D 115 -32.88 32.53 -3.66
N ILE D 116 -32.63 31.65 -2.69
CA ILE D 116 -31.88 32.04 -1.48
C ILE D 116 -30.42 32.37 -1.82
N ALA D 117 -29.79 31.55 -2.67
CA ALA D 117 -28.42 31.79 -3.10
C ALA D 117 -28.34 33.15 -3.81
N ILE D 118 -29.30 33.42 -4.69
CA ILE D 118 -29.34 34.69 -5.42
C ILE D 118 -29.45 35.87 -4.44
N GLN D 119 -30.37 35.77 -3.50
CA GLN D 119 -30.56 36.83 -2.49
C GLN D 119 -29.28 37.03 -1.67
N GLU D 120 -28.66 35.95 -1.20
CA GLU D 120 -27.43 36.09 -0.40
C GLU D 120 -26.27 36.70 -1.17
N VAL D 121 -26.16 36.37 -2.46
CA VAL D 121 -25.09 36.96 -3.29
C VAL D 121 -25.29 38.48 -3.44
N MET D 122 -26.51 38.90 -3.72
CA MET D 122 -26.77 40.33 -3.90
C MET D 122 -26.69 41.10 -2.59
N THR D 123 -27.03 40.45 -1.48
CA THR D 123 -26.93 41.11 -0.18
C THR D 123 -25.45 41.32 0.16
N ARG D 124 -24.63 40.32 -0.15
CA ARG D 124 -23.20 40.41 0.12
C ARG D 124 -22.54 41.47 -0.78
N LEU D 125 -22.88 41.48 -2.08
CA LEU D 125 -22.28 42.46 -3.02
C LEU D 125 -22.71 43.90 -2.79
N SER D 126 -23.83 44.08 -2.09
N SER D 126 -23.84 44.10 -2.10
CA SER D 126 -24.34 45.42 -1.78
CA SER D 126 -24.31 45.48 -1.81
C SER D 126 -23.39 46.11 -0.78
C SER D 126 -23.36 46.14 -0.81
N LYS D 127 -22.47 45.35 -0.19
CA LYS D 127 -21.52 45.89 0.80
C LYS D 127 -20.35 46.60 0.10
N PHE D 128 -20.18 46.37 -1.20
CA PHE D 128 -19.10 47.02 -1.95
C PHE D 128 -19.52 48.41 -2.41
N SER D 129 -18.54 49.29 -2.53
CA SER D 129 -18.81 50.64 -3.00
C SER D 129 -19.23 50.54 -4.46
N LYS D 130 -18.58 49.63 -5.19
CA LYS D 130 -18.89 49.37 -6.60
C LYS D 130 -18.84 47.87 -6.82
N ARG D 131 -19.95 47.29 -7.21
CA ARG D 131 -20.00 45.85 -7.43
C ARG D 131 -20.04 45.53 -8.90
N PRO D 132 -19.66 44.31 -9.25
CA PRO D 132 -19.76 43.95 -10.65
C PRO D 132 -21.19 43.63 -11.00
N LEU D 133 -21.49 43.55 -12.29
CA LEU D 133 -22.81 43.16 -12.72
C LEU D 133 -22.86 41.68 -12.41
N VAL D 134 -24.05 41.15 -12.13
CA VAL D 134 -24.20 39.75 -11.82
C VAL D 134 -25.28 39.16 -12.70
N LEU D 135 -24.91 38.21 -13.55
CA LEU D 135 -25.86 37.57 -14.44
C LEU D 135 -26.05 36.12 -14.04
N ALA D 136 -27.20 35.56 -14.36
CA ALA D 136 -27.46 34.17 -14.04
C ALA D 136 -27.41 33.32 -15.30
N VAL D 137 -26.83 32.14 -15.18
CA VAL D 137 -26.79 31.21 -16.28
C VAL D 137 -28.16 30.54 -16.25
N SER D 138 -28.85 30.55 -17.38
CA SER D 138 -30.17 29.91 -17.50
C SER D 138 -29.93 28.43 -17.90
N ALA D 139 -29.96 28.15 -19.18
CA ALA D 139 -29.70 26.80 -19.67
C ALA D 139 -28.35 26.83 -20.40
N LEU D 140 -27.41 25.97 -20.02
CA LEU D 140 -26.11 25.95 -20.71
C LEU D 140 -26.39 25.76 -22.22
N THR D 141 -25.76 26.61 -23.06
CA THR D 141 -25.98 26.56 -24.52
C THR D 141 -25.59 25.22 -25.16
N SER D 142 -24.79 24.42 -24.46
CA SER D 142 -24.38 23.11 -24.95
C SER D 142 -25.48 22.04 -24.87
N PHE D 143 -26.54 22.25 -24.09
CA PHE D 143 -27.60 21.25 -23.98
C PHE D 143 -28.52 21.12 -25.18
N ASP D 144 -28.99 19.91 -25.41
CA ASP D 144 -29.97 19.66 -26.46
C ASP D 144 -31.20 19.40 -25.61
N GLU D 145 -32.38 19.37 -26.22
CA GLU D 145 -33.62 19.15 -25.47
C GLU D 145 -33.72 17.90 -24.58
N GLU D 146 -33.45 16.71 -25.15
N GLU D 146 -33.43 16.73 -25.15
CA GLU D 146 -33.56 15.45 -24.38
CA GLU D 146 -33.51 15.45 -24.42
C GLU D 146 -32.70 15.40 -23.10
C GLU D 146 -32.70 15.41 -23.12
N ASN D 147 -31.41 15.71 -23.21
CA ASN D 147 -30.55 15.69 -22.05
C ASN D 147 -30.94 16.76 -21.01
N PHE D 148 -31.42 17.91 -21.48
CA PHE D 148 -31.83 18.98 -20.59
C PHE D 148 -33.08 18.55 -19.80
N PHE D 149 -34.01 17.92 -20.50
CA PHE D 149 -35.25 17.47 -19.87
C PHE D 149 -34.99 16.40 -18.81
N SER D 150 -34.00 15.54 -19.08
N SER D 150 -34.01 15.53 -19.07
CA SER D 150 -33.65 14.47 -18.16
CA SER D 150 -33.67 14.47 -18.12
C SER D 150 -33.27 15.02 -16.79
C SER D 150 -33.29 15.04 -16.77
N ILE D 151 -32.65 16.21 -16.78
CA ILE D 151 -32.23 16.88 -15.56
C ILE D 151 -33.29 17.81 -14.95
N TYR D 152 -33.87 18.67 -15.78
CA TYR D 152 -34.81 19.67 -15.30
C TYR D 152 -36.30 19.42 -15.47
N ARG D 153 -36.67 18.38 -16.20
CA ARG D 153 -38.10 18.07 -16.42
C ARG D 153 -38.86 19.31 -16.93
N GLN D 154 -38.19 20.05 -17.80
CA GLN D 154 -38.70 21.25 -18.41
C GLN D 154 -38.06 21.39 -19.77
N LYS D 155 -38.77 22.00 -20.72
CA LYS D 155 -38.19 22.21 -22.03
C LYS D 155 -37.21 23.34 -21.82
N ILE D 156 -36.24 23.49 -22.70
CA ILE D 156 -35.23 24.56 -22.54
C ILE D 156 -35.87 25.94 -22.44
N GLU D 157 -36.78 26.26 -23.36
N GLU D 157 -36.78 26.28 -23.35
CA GLU D 157 -37.47 27.55 -23.36
CA GLU D 157 -37.41 27.60 -23.31
C GLU D 157 -38.22 27.78 -22.05
C GLU D 157 -38.20 27.79 -22.02
N GLU D 158 -38.91 26.74 -21.57
CA GLU D 158 -39.68 26.82 -20.33
C GLU D 158 -38.77 27.13 -19.12
N ALA D 159 -37.65 26.41 -19.03
CA ALA D 159 -36.71 26.60 -17.94
C ALA D 159 -36.08 27.99 -17.95
N VAL D 160 -35.66 28.43 -19.13
CA VAL D 160 -35.05 29.75 -19.29
C VAL D 160 -35.98 30.86 -18.78
N ILE D 161 -37.27 30.79 -19.11
CA ILE D 161 -38.24 31.80 -18.66
C ILE D 161 -38.44 31.69 -17.15
N ASN D 162 -38.55 30.45 -16.68
CA ASN D 162 -38.70 30.18 -15.26
C ASN D 162 -37.49 30.75 -14.50
N PHE D 163 -36.29 30.38 -14.92
CA PHE D 163 -35.07 30.87 -14.28
C PHE D 163 -34.91 32.38 -14.36
N SER D 164 -35.28 32.96 -15.50
CA SER D 164 -35.11 34.39 -15.71
C SER D 164 -36.00 35.17 -14.76
N LYS D 165 -37.22 34.68 -14.55
CA LYS D 165 -38.15 35.35 -13.63
C LYS D 165 -37.61 35.31 -12.21
N ILE D 166 -37.11 34.14 -11.79
CA ILE D 166 -36.55 34.00 -10.44
C ILE D 166 -35.36 34.96 -10.26
N SER D 167 -34.53 35.07 -11.29
CA SER D 167 -33.36 35.94 -11.26
C SER D 167 -33.72 37.41 -11.23
N TYR D 168 -34.70 37.79 -12.04
CA TYR D 168 -35.16 39.16 -12.12
C TYR D 168 -35.82 39.62 -10.82
N GLU D 169 -36.70 38.78 -10.28
CA GLU D 169 -37.42 39.11 -9.04
C GLU D 169 -36.52 39.13 -7.80
N ASN D 170 -35.42 38.39 -7.85
CA ASN D 170 -34.51 38.32 -6.72
C ASN D 170 -33.27 39.25 -6.81
N GLY D 171 -33.29 40.17 -7.77
CA GLY D 171 -32.23 41.17 -7.88
C GLY D 171 -31.02 41.06 -8.78
N LEU D 172 -30.96 40.06 -9.66
CA LEU D 172 -29.78 39.96 -10.56
C LEU D 172 -29.90 41.01 -11.65
N ASP D 173 -28.81 41.26 -12.36
CA ASP D 173 -28.80 42.26 -13.42
C ASP D 173 -29.24 41.75 -14.79
N GLY D 174 -29.14 40.43 -14.97
CA GLY D 174 -29.53 39.82 -16.24
C GLY D 174 -29.21 38.33 -16.33
N MET D 175 -29.25 37.82 -17.56
CA MET D 175 -29.01 36.42 -17.82
C MET D 175 -28.04 36.18 -18.95
N VAL D 176 -27.45 34.99 -18.91
CA VAL D 176 -26.57 34.52 -19.94
C VAL D 176 -27.54 33.59 -20.65
N CYS D 177 -27.74 33.78 -21.94
CA CYS D 177 -28.67 32.95 -22.67
C CYS D 177 -28.35 32.88 -24.13
N SER D 178 -28.99 31.94 -24.80
CA SER D 178 -28.84 31.79 -26.22
C SER D 178 -29.44 33.03 -26.87
N VAL D 179 -28.87 33.46 -27.99
CA VAL D 179 -29.38 34.63 -28.70
C VAL D 179 -30.86 34.42 -29.09
N PHE D 180 -31.24 33.15 -29.27
CA PHE D 180 -32.62 32.82 -29.66
C PHE D 180 -33.65 32.94 -28.52
N GLU D 181 -33.16 33.08 -27.30
CA GLU D 181 -34.04 33.19 -26.13
C GLU D 181 -34.05 34.62 -25.56
N SER D 182 -33.12 35.46 -26.00
CA SER D 182 -32.99 36.86 -25.50
C SER D 182 -34.27 37.72 -25.49
N LYS D 183 -35.04 37.72 -26.59
CA LYS D 183 -36.29 38.53 -26.62
C LYS D 183 -37.35 38.00 -25.67
N LYS D 184 -37.50 36.68 -25.62
N LYS D 184 -37.51 36.68 -25.62
CA LYS D 184 -38.48 36.04 -24.75
CA LYS D 184 -38.50 36.06 -24.73
C LYS D 184 -38.20 36.43 -23.29
C LYS D 184 -38.20 36.44 -23.28
N ILE D 185 -36.93 36.35 -22.91
CA ILE D 185 -36.50 36.70 -21.55
C ILE D 185 -36.94 38.12 -21.18
N LYS D 186 -36.60 39.09 -22.03
CA LYS D 186 -36.97 40.47 -21.78
C LYS D 186 -38.48 40.67 -21.72
N GLU D 187 -39.23 39.97 -22.56
CA GLU D 187 -40.69 40.07 -22.57
C GLU D 187 -41.33 39.61 -21.25
N HIS D 188 -40.70 38.63 -20.59
CA HIS D 188 -41.20 38.09 -19.31
C HIS D 188 -40.57 38.75 -18.08
N THR D 189 -39.67 39.70 -18.28
CA THR D 189 -39.01 40.39 -17.18
C THR D 189 -39.00 41.89 -17.41
N SER D 190 -38.06 42.35 -18.23
CA SER D 190 -37.93 43.76 -18.54
C SER D 190 -36.98 43.96 -19.70
N SER D 191 -37.21 45.00 -20.49
CA SER D 191 -36.33 45.29 -21.61
C SER D 191 -34.97 45.74 -21.05
N ASN D 192 -34.95 46.16 -19.77
CA ASN D 192 -33.73 46.60 -19.11
C ASN D 192 -33.00 45.45 -18.38
N PHE D 193 -33.59 44.26 -18.40
CA PHE D 193 -32.96 43.10 -17.77
C PHE D 193 -31.96 42.66 -18.86
N LEU D 194 -30.67 42.69 -18.51
CA LEU D 194 -29.62 42.37 -19.48
C LEU D 194 -29.54 40.95 -20.00
N THR D 195 -29.13 40.83 -21.26
CA THR D 195 -28.92 39.54 -21.88
C THR D 195 -27.53 39.50 -22.49
N LEU D 196 -26.81 38.43 -22.19
CA LEU D 196 -25.48 38.19 -22.71
C LEU D 196 -25.59 36.87 -23.48
N THR D 197 -25.28 36.93 -24.76
CA THR D 197 -25.39 35.80 -25.65
C THR D 197 -24.03 35.35 -26.15
N PRO D 198 -23.59 34.17 -25.73
CA PRO D 198 -22.30 33.68 -26.14
C PRO D 198 -22.30 32.88 -27.44
N GLY D 199 -21.09 32.63 -27.95
CA GLY D 199 -20.91 31.84 -29.16
C GLY D 199 -21.37 32.46 -30.45
N ILE D 200 -21.34 33.78 -30.52
CA ILE D 200 -21.77 34.43 -31.72
C ILE D 200 -20.72 34.35 -32.83
N ARG D 201 -21.18 34.03 -34.04
N ARG D 201 -21.18 34.02 -34.04
CA ARG D 201 -20.30 33.97 -35.20
CA ARG D 201 -20.31 33.96 -35.22
C ARG D 201 -20.77 35.18 -36.00
C ARG D 201 -20.77 35.18 -36.01
N PRO D 202 -20.15 36.34 -35.73
CA PRO D 202 -20.52 37.62 -36.35
C PRO D 202 -20.89 37.64 -37.81
N PHE D 203 -20.14 36.93 -38.64
CA PHE D 203 -20.41 36.95 -40.07
C PHE D 203 -20.85 35.61 -40.63
N GLY D 204 -21.39 34.76 -39.75
CA GLY D 204 -21.87 33.44 -40.17
C GLY D 204 -23.16 33.53 -40.96
N VAL D 213 -28.88 31.08 -37.99
CA VAL D 213 -27.49 31.15 -37.51
C VAL D 213 -27.35 32.27 -36.45
N ALA D 214 -26.46 32.06 -35.49
CA ALA D 214 -26.22 33.05 -34.42
C ALA D 214 -25.20 34.09 -34.85
N ASN D 215 -25.59 34.98 -35.75
CA ASN D 215 -24.70 36.04 -36.26
C ASN D 215 -25.07 37.42 -35.66
N LEU D 216 -24.35 38.46 -36.09
N LEU D 216 -24.34 38.47 -36.07
CA LEU D 216 -24.58 39.79 -35.57
CA LEU D 216 -24.62 39.83 -35.57
C LEU D 216 -26.01 40.31 -35.86
C LEU D 216 -26.05 40.28 -35.84
N ALA D 217 -26.59 39.88 -36.99
CA ALA D 217 -27.95 40.26 -37.37
C ALA D 217 -29.00 39.62 -36.46
N MET D 218 -28.70 38.41 -35.99
CA MET D 218 -29.60 37.68 -35.10
C MET D 218 -29.52 38.31 -33.71
N ALA D 219 -28.31 38.71 -33.31
CA ALA D 219 -28.12 39.34 -32.00
C ALA D 219 -28.83 40.71 -31.96
N ARG D 220 -28.79 41.43 -33.06
N ARG D 220 -28.80 41.47 -33.06
CA ARG D 220 -29.42 42.74 -33.16
CA ARG D 220 -29.49 42.77 -33.06
C ARG D 220 -30.96 42.63 -33.09
C ARG D 220 -31.00 42.59 -33.03
N GLU D 221 -31.51 41.69 -33.87
CA GLU D 221 -32.96 41.45 -33.91
C GLU D 221 -33.48 40.93 -32.58
N ASN D 222 -32.66 40.13 -31.89
CA ASN D 222 -33.04 39.55 -30.60
C ASN D 222 -32.65 40.39 -29.36
N LEU D 223 -32.18 41.61 -29.60
CA LEU D 223 -31.82 42.57 -28.55
C LEU D 223 -30.72 42.19 -27.56
N SER D 224 -29.72 41.45 -27.99
CA SER D 224 -28.64 41.08 -27.09
C SER D 224 -27.96 42.35 -26.59
N ASP D 225 -27.69 42.42 -25.30
CA ASP D 225 -27.02 43.56 -24.70
C ASP D 225 -25.52 43.35 -24.79
N TYR D 226 -25.12 42.09 -24.69
CA TYR D 226 -23.73 41.68 -24.77
C TYR D 226 -23.60 40.45 -25.66
N ILE D 227 -22.57 40.44 -26.50
CA ILE D 227 -22.32 39.26 -27.31
C ILE D 227 -20.92 38.82 -26.97
N VAL D 228 -20.72 37.51 -26.95
CA VAL D 228 -19.40 36.98 -26.70
C VAL D 228 -19.02 36.24 -27.99
N VAL D 229 -17.84 36.54 -28.49
CA VAL D 229 -17.30 35.94 -29.71
C VAL D 229 -15.96 35.32 -29.33
N GLY D 230 -15.74 34.06 -29.72
CA GLY D 230 -14.50 33.34 -29.41
C GLY D 230 -13.56 33.12 -30.59
N ARG D 231 -13.56 31.89 -31.11
CA ARG D 231 -12.70 31.51 -32.24
C ARG D 231 -12.65 32.49 -33.41
N PRO D 232 -13.82 33.06 -33.81
CA PRO D 232 -13.77 33.98 -34.94
C PRO D 232 -12.75 35.11 -34.72
N ILE D 233 -12.49 35.44 -33.47
CA ILE D 233 -11.53 36.45 -33.14
C ILE D 233 -10.17 35.86 -32.80
N TYR D 234 -10.11 35.02 -31.77
CA TYR D 234 -8.82 34.47 -31.33
C TYR D 234 -8.06 33.54 -32.27
N LYS D 235 -8.75 32.89 -33.20
N LYS D 235 -8.74 32.93 -33.22
CA LYS D 235 -8.08 32.02 -34.16
CA LYS D 235 -8.10 32.04 -34.17
C LYS D 235 -7.88 32.69 -35.52
C LYS D 235 -7.89 32.70 -35.52
N ASN D 236 -8.36 33.94 -35.66
CA ASN D 236 -8.20 34.66 -36.92
C ASN D 236 -6.79 35.15 -37.03
N GLU D 237 -6.28 35.25 -38.27
CA GLU D 237 -4.92 35.74 -38.50
C GLU D 237 -4.68 37.13 -37.93
N ASN D 238 -5.71 37.97 -37.97
CA ASN D 238 -5.62 39.34 -37.47
C ASN D 238 -6.79 39.60 -36.52
N PRO D 239 -6.64 39.20 -35.25
CA PRO D 239 -7.72 39.37 -34.27
C PRO D 239 -8.22 40.79 -34.12
N ARG D 240 -7.31 41.75 -34.10
CA ARG D 240 -7.72 43.14 -33.94
C ARG D 240 -8.60 43.57 -35.11
N ALA D 241 -8.22 43.17 -36.33
CA ALA D 241 -8.99 43.52 -37.52
C ALA D 241 -10.43 43.01 -37.42
N VAL D 242 -10.60 41.79 -36.90
CA VAL D 242 -11.93 41.22 -36.72
C VAL D 242 -12.75 42.02 -35.71
N CYS D 243 -12.13 42.41 -34.59
CA CYS D 243 -12.82 43.19 -33.57
C CYS D 243 -13.23 44.53 -34.16
N GLU D 244 -12.29 45.14 -34.91
CA GLU D 244 -12.54 46.44 -35.58
C GLU D 244 -13.80 46.36 -36.41
N LYS D 245 -13.87 45.33 -37.26
CA LYS D 245 -15.00 45.12 -38.15
C LYS D 245 -16.31 44.93 -37.39
N ILE D 246 -16.28 44.12 -36.33
CA ILE D 246 -17.49 43.88 -35.54
C ILE D 246 -18.02 45.19 -34.94
N LEU D 247 -17.14 45.93 -34.27
CA LEU D 247 -17.51 47.21 -33.64
C LEU D 247 -18.09 48.23 -34.62
N ASN D 248 -17.52 48.29 -35.81
CA ASN D 248 -17.99 49.21 -36.83
C ASN D 248 -19.34 48.77 -37.36
N LYS D 249 -19.51 47.46 -37.43
CA LYS D 249 -20.73 46.84 -37.94
C LYS D 249 -21.80 47.13 -36.87
N ILE D 250 -21.39 47.13 -35.60
CA ILE D 250 -22.28 47.42 -34.49
C ILE D 250 -22.52 48.93 -34.44
CL CL E . -28.59 14.02 -19.09
I IOD F . -16.66 26.87 -9.91
I IOD G . -22.31 22.39 14.63
I IOD H . -0.83 29.54 0.11
I IOD I . -19.37 20.10 5.94
I IOD J . -23.84 19.50 -0.80
I IOD K . -9.82 13.40 -23.88
I IOD L . -21.53 17.27 17.39
I IOD M . 20.36 -15.02 15.71
I IOD N . 10.18 -3.36 25.88
I IOD O . 8.65 -11.32 30.60
I IOD P . 17.08 -26.98 9.87
I IOD Q . 11.33 -9.07 27.14
I IOD R . 13.25 -12.30 18.50
I IOD S . 12.52 5.07 16.09
I IOD T . -1.98 -25.51 10.65
CL CL U . 31.39 -23.99 23.12
CL CL V . 33.97 -20.20 2.60
I IOD W . 28.11 -34.44 6.84
I IOD X . 24.97 -40.33 2.05
I IOD Y . 28.01 -43.21 -6.42
I IOD Z . 30.01 -48.72 -4.94
I IOD AA . 14.16 -29.25 30.14
I IOD BA . 3.48 -38.92 2.95
CL CL CA . -26.92 43.39 -38.29
I IOD DA . -17.91 32.07 -26.46
I IOD EA . -23.78 40.16 4.01
I IOD FA . -17.74 34.29 -38.25
I IOD GA . -15.95 29.48 -35.31
I IOD HA . -23.62 29.14 -21.48
#